data_8K7R
#
_entry.id   8K7R
#
_cell.length_a   1.00
_cell.length_b   1.00
_cell.length_c   1.00
_cell.angle_alpha   90.00
_cell.angle_beta   90.00
_cell.angle_gamma   90.00
#
_symmetry.space_group_name_H-M   'P 1'
#
loop_
_entity.id
_entity.type
_entity.pdbx_description
1 polymer 'High affinity immunoglobulin epsilon receptor subunit alpha'
2 polymer 'IgE Fc'
3 branched 2-acetamido-2-deoxy-beta-D-glucopyranose-(1-4)-2-acetamido-2-deoxy-beta-D-glucopyranose
4 branched 2-acetamido-2-deoxy-beta-D-glucopyranose-(1-4)-[alpha-L-fucopyranose-(1-6)]2-acetamido-2-deoxy-beta-D-glucopyranose
5 branched alpha-D-mannopyranose-(1-3)-beta-D-mannopyranose-(1-4)-2-acetamido-2-deoxy-beta-D-glucopyranose-(1-4)-2-acetamido-2-deoxy-beta-D-glucopyranose
6 branched alpha-D-mannopyranose-(1-3)-[alpha-D-mannopyranose-(1-6)]beta-D-mannopyranose-(1-4)-2-acetamido-2-deoxy-beta-D-glucopyranose-(1-4)-2-acetamido-2-deoxy-beta-D-glucopyranose
7 non-polymer 2-acetamido-2-deoxy-beta-D-glucopyranose
#
loop_
_entity_poly.entity_id
_entity_poly.type
_entity_poly.pdbx_seq_one_letter_code
_entity_poly.pdbx_strand_id
1 'polypeptide(L)'
;MAPAMESPTLLCVALLFFAPDGVLAVPQKPKVSLNPPWNRIFKGENVTLTCNGNNFFEVSSTKWFHNGSLSEETNSSLNI
VNAKFEDSGEYKCQHQQVNESEPVYLEVFSDWLLLQASAEVVMEGQPLFLRCHGWRNWDVYKVIYYKDGEALKYWYENHN
ISITNATVEDSGTYYCTGKVWQLDYESEPLNITVIKAPREKYWLQFFIPLLVVILFAVDTGLFISTQQQVTFLLKIKRTR
KGFRLLNPHPKPNPKNNENLYFQGDYKDDDDKHHHHHHHH
;
A
2 'polypeptide(L)'
;METGLRWLLLVAVLKGVQCQSVASRDFTPPTVKILQSSCDGGGHFPPTIQLLCLVSGYTPGTIQITWLEDGQVMDVDLST
ASTTQEGELASTQSELTLSQKHWLSDRTYTCQVTYQGHTFEDSTKKCADSNPRGVSAYLSRPSPFDLFIRKSPTITCLVV
DLAPSKGTVQLTWSRASGKPVNHSTRKEEKQRNGTLTVTSTLPVGTRDWIEGETYQCRVTHPHLPRALMRSTTKTSGPRA
APEVYAFATPEWPGSRDKRTLACLIQNFMPEDISVQWLHNEVQLPDARHSTTQPRKTKGSGFFVFSRLEVTRAEWEQKDE
FICRAVHEAASPSQTVQRAVSVNPHHHHHHH
;
E,F
#
loop_
_chem_comp.id
_chem_comp.type
_chem_comp.name
_chem_comp.formula
BMA D-saccharide, beta linking beta-D-mannopyranose 'C6 H12 O6'
FUC L-saccharide, alpha linking alpha-L-fucopyranose 'C6 H12 O5'
MAN D-saccharide, alpha linking alpha-D-mannopyranose 'C6 H12 O6'
NAG D-saccharide, beta linking 2-acetamido-2-deoxy-beta-D-glucopyranose 'C8 H15 N O6'
#
# COMPACT_ATOMS: atom_id res chain seq x y z
N LYS A 29 47.33 -26.53 21.90
CA LYS A 29 46.60 -26.09 20.70
C LYS A 29 45.95 -24.73 20.92
N PRO A 30 46.53 -23.69 20.33
CA PRO A 30 45.94 -22.35 20.44
C PRO A 30 44.57 -22.30 19.77
N LYS A 31 43.69 -21.46 20.32
CA LYS A 31 42.35 -21.27 19.80
C LYS A 31 42.21 -19.88 19.22
N VAL A 32 41.76 -19.80 17.97
CA VAL A 32 41.61 -18.52 17.27
C VAL A 32 40.25 -17.94 17.61
N SER A 33 40.24 -16.71 18.11
CA SER A 33 39.02 -15.98 18.43
C SER A 33 38.89 -14.80 17.49
N LEU A 34 37.64 -14.50 17.12
CA LEU A 34 37.31 -13.40 16.22
C LEU A 34 36.72 -12.25 17.01
N ASN A 35 37.31 -11.06 16.86
CA ASN A 35 36.75 -9.84 17.43
C ASN A 35 36.30 -8.95 16.27
N PRO A 36 35.00 -8.71 16.09
CA PRO A 36 33.86 -9.24 16.86
C PRO A 36 33.56 -10.70 16.50
N PRO A 37 32.67 -11.35 17.28
CA PRO A 37 32.23 -12.70 16.92
C PRO A 37 31.33 -12.71 15.70
N TRP A 38 30.66 -13.85 15.45
CA TRP A 38 29.79 -14.02 14.29
C TRP A 38 30.58 -13.94 12.98
N ASN A 39 31.44 -14.92 12.73
CA ASN A 39 32.23 -14.98 11.50
C ASN A 39 31.41 -14.72 10.25
N ARG A 40 30.11 -15.01 10.26
CA ARG A 40 29.23 -14.63 9.17
C ARG A 40 29.13 -13.11 9.13
N ILE A 41 29.77 -12.49 8.14
CA ILE A 41 29.88 -11.04 8.06
C ILE A 41 29.44 -10.59 6.68
N PHE A 42 29.24 -9.28 6.55
CA PHE A 42 28.93 -8.67 5.28
C PHE A 42 30.20 -8.21 4.57
N LYS A 43 30.09 -7.95 3.28
CA LYS A 43 31.21 -7.43 2.52
C LYS A 43 31.55 -6.03 2.99
N GLY A 44 32.84 -5.77 3.22
CA GLY A 44 33.28 -4.49 3.72
C GLY A 44 33.28 -4.32 5.21
N GLU A 45 33.02 -5.39 5.97
CA GLU A 45 32.99 -5.31 7.42
C GLU A 45 34.40 -5.49 7.98
N ASN A 46 34.52 -5.62 9.30
CA ASN A 46 35.79 -5.74 9.98
C ASN A 46 35.82 -6.99 10.85
N VAL A 47 36.95 -7.69 10.82
CA VAL A 47 37.21 -8.75 11.80
C VAL A 47 38.67 -8.65 12.23
N THR A 48 38.97 -9.22 13.39
CA THR A 48 40.34 -9.37 13.85
C THR A 48 40.49 -10.75 14.45
N LEU A 49 41.34 -11.58 13.84
CA LEU A 49 41.56 -12.94 14.31
C LEU A 49 42.82 -12.98 15.17
N THR A 50 42.70 -13.64 16.32
CA THR A 50 43.84 -13.73 17.23
C THR A 50 43.76 -15.04 18.01
N CYS A 51 44.86 -15.78 18.04
CA CYS A 51 44.98 -16.97 18.88
C CYS A 51 45.90 -16.66 20.04
N ASN A 52 45.37 -16.73 21.26
CA ASN A 52 46.13 -16.32 22.43
C ASN A 52 47.20 -17.35 22.78
N GLY A 53 46.78 -18.57 23.10
CA GLY A 53 47.73 -19.61 23.47
C GLY A 53 48.26 -19.45 24.87
N ASN A 54 48.82 -20.52 25.44
CA ASN A 54 49.39 -20.43 26.77
C ASN A 54 50.60 -19.50 26.80
N ASN A 55 51.46 -19.58 25.79
CA ASN A 55 52.64 -18.74 25.73
C ASN A 55 52.30 -17.37 25.13
N PHE A 56 53.26 -16.46 25.21
CA PHE A 56 53.13 -15.11 24.69
C PHE A 56 54.25 -14.78 23.72
N PHE A 57 54.61 -15.75 22.87
CA PHE A 57 55.66 -15.55 21.87
C PHE A 57 55.06 -14.94 20.60
N GLU A 58 54.62 -13.69 20.74
CA GLU A 58 53.96 -13.01 19.62
C GLU A 58 54.96 -12.55 18.57
N VAL A 59 56.15 -12.13 19.00
CA VAL A 59 57.11 -11.48 18.12
C VAL A 59 57.64 -12.49 17.10
N SER A 60 57.25 -12.34 15.84
CA SER A 60 57.81 -13.08 14.72
C SER A 60 57.69 -14.60 14.92
N SER A 61 56.57 -15.04 15.47
CA SER A 61 56.35 -16.47 15.66
C SER A 61 54.94 -16.92 15.30
N THR A 62 54.06 -16.03 14.88
CA THR A 62 52.69 -16.37 14.53
C THR A 62 52.55 -16.40 13.01
N LYS A 63 52.27 -17.58 12.46
CA LYS A 63 52.06 -17.76 11.04
C LYS A 63 50.57 -17.96 10.78
N TRP A 64 50.01 -17.15 9.89
CA TRP A 64 48.59 -17.20 9.57
C TRP A 64 48.40 -17.85 8.21
N PHE A 65 47.53 -18.85 8.14
CA PHE A 65 47.30 -19.62 6.91
C PHE A 65 45.86 -19.44 6.46
N HIS A 66 45.71 -19.00 5.21
CA HIS A 66 44.46 -19.07 4.46
C HIS A 66 44.32 -20.47 3.87
N ASN A 67 43.42 -20.65 2.90
CA ASN A 67 43.26 -21.97 2.29
C ASN A 67 44.60 -22.48 1.74
N GLY A 68 45.17 -23.47 2.41
CA GLY A 68 46.41 -24.10 1.98
C GLY A 68 47.50 -23.19 1.49
N SER A 69 47.67 -22.03 2.13
CA SER A 69 48.64 -21.04 1.68
C SER A 69 49.27 -20.37 2.90
N LEU A 70 50.20 -19.46 2.63
CA LEU A 70 50.91 -18.71 3.67
C LEU A 70 50.69 -17.23 3.44
N SER A 71 50.29 -16.52 4.48
CA SER A 71 50.00 -15.09 4.39
C SER A 71 51.26 -14.28 4.68
N GLU A 72 51.10 -12.97 4.80
CA GLU A 72 52.21 -12.05 5.06
C GLU A 72 51.95 -11.28 6.36
N GLU A 73 51.54 -12.00 7.40
CA GLU A 73 51.27 -11.42 8.70
C GLU A 73 52.11 -12.12 9.76
N THR A 74 52.80 -11.33 10.58
CA THR A 74 53.63 -11.87 11.66
C THR A 74 53.08 -11.60 13.05
N ASN A 75 52.27 -10.56 13.22
CA ASN A 75 51.67 -10.27 14.50
C ASN A 75 50.58 -11.29 14.84
N SER A 76 50.29 -11.42 16.14
CA SER A 76 49.27 -12.36 16.58
C SER A 76 47.87 -11.94 16.16
N SER A 77 47.67 -10.68 15.79
CA SER A 77 46.37 -10.17 15.37
C SER A 77 46.38 -9.96 13.86
N LEU A 78 45.46 -10.64 13.17
CA LEU A 78 45.28 -10.47 11.73
C LEU A 78 43.97 -9.72 11.52
N ASN A 79 44.05 -8.49 11.05
CA ASN A 79 42.89 -7.63 10.89
C ASN A 79 42.44 -7.65 9.44
N ILE A 80 41.21 -8.08 9.22
CA ILE A 80 40.59 -8.04 7.90
C ILE A 80 39.65 -6.84 7.85
N VAL A 81 39.98 -5.87 7.00
CA VAL A 81 39.19 -4.67 6.79
C VAL A 81 38.74 -4.66 5.34
N ASN A 82 37.50 -4.21 5.11
CA ASN A 82 36.87 -4.25 3.79
C ASN A 82 36.91 -5.68 3.24
N ALA A 83 36.22 -6.56 3.97
CA ALA A 83 36.27 -8.00 3.70
C ALA A 83 35.63 -8.28 2.34
N LYS A 84 36.46 -8.58 1.35
CA LYS A 84 35.98 -8.92 0.03
C LYS A 84 35.49 -10.37 0.01
N PHE A 85 34.98 -10.79 -1.15
CA PHE A 85 34.53 -12.16 -1.31
C PHE A 85 35.70 -13.14 -1.31
N GLU A 86 36.92 -12.67 -1.60
CA GLU A 86 38.09 -13.53 -1.60
C GLU A 86 38.67 -13.76 -0.22
N ASP A 87 38.24 -12.98 0.78
CA ASP A 87 38.74 -13.12 2.15
C ASP A 87 38.06 -14.25 2.91
N SER A 88 37.00 -14.85 2.36
CA SER A 88 36.35 -15.96 3.00
C SER A 88 37.21 -17.22 2.90
N GLY A 89 36.91 -18.19 3.75
CA GLY A 89 37.60 -19.47 3.74
C GLY A 89 37.97 -19.89 5.15
N GLU A 90 38.90 -20.83 5.24
CA GLU A 90 39.34 -21.38 6.51
C GLU A 90 40.66 -20.73 6.91
N TYR A 91 40.73 -20.29 8.16
CA TYR A 91 41.91 -19.64 8.71
C TYR A 91 42.53 -20.48 9.81
N LYS A 92 43.86 -20.53 9.84
CA LYS A 92 44.60 -21.24 10.87
C LYS A 92 45.77 -20.39 11.34
N CYS A 93 46.24 -20.67 12.55
CA CYS A 93 47.39 -19.98 13.11
C CYS A 93 48.37 -20.99 13.67
N GLN A 94 49.65 -20.63 13.63
CA GLN A 94 50.76 -21.53 13.97
C GLN A 94 51.75 -20.84 14.90
N HIS A 95 51.23 -20.27 16.00
CA HIS A 95 52.06 -19.66 17.02
C HIS A 95 53.20 -20.58 17.42
N GLN A 96 54.43 -20.06 17.33
CA GLN A 96 55.69 -20.82 17.33
C GLN A 96 55.54 -22.18 16.64
N GLN A 97 55.93 -23.26 17.32
CA GLN A 97 55.89 -24.58 16.70
C GLN A 97 54.56 -25.30 16.94
N VAL A 98 54.24 -25.56 18.22
CA VAL A 98 53.14 -26.42 18.66
C VAL A 98 52.85 -27.50 17.62
N ASN A 99 51.57 -27.74 17.34
CA ASN A 99 51.22 -28.57 16.20
C ASN A 99 50.47 -27.75 15.15
N GLU A 100 49.32 -27.19 15.55
CA GLU A 100 48.53 -26.32 14.69
C GLU A 100 47.41 -25.70 15.54
N SER A 101 46.49 -25.00 14.88
CA SER A 101 45.31 -24.47 15.55
C SER A 101 44.07 -24.95 14.81
N GLU A 102 42.94 -24.93 15.51
CA GLU A 102 41.68 -25.35 14.91
C GLU A 102 41.26 -24.36 13.84
N PRO A 103 40.99 -24.80 12.61
CA PRO A 103 40.60 -23.85 11.56
C PRO A 103 39.27 -23.18 11.88
N VAL A 104 39.15 -21.92 11.47
CA VAL A 104 37.92 -21.15 11.64
C VAL A 104 37.40 -20.77 10.27
N TYR A 105 36.11 -21.03 10.03
CA TYR A 105 35.49 -20.75 8.75
C TYR A 105 34.86 -19.36 8.78
N LEU A 106 35.31 -18.50 7.87
CA LEU A 106 34.82 -17.13 7.74
C LEU A 106 34.07 -17.03 6.41
N GLU A 107 32.79 -16.68 6.48
CA GLU A 107 31.95 -16.56 5.30
C GLU A 107 31.44 -15.13 5.18
N VAL A 108 31.59 -14.54 3.99
CA VAL A 108 31.14 -13.19 3.71
C VAL A 108 29.85 -13.26 2.89
N PHE A 109 28.86 -12.49 3.29
CA PHE A 109 27.56 -12.46 2.63
C PHE A 109 27.27 -11.06 2.11
N SER A 110 26.31 -11.00 1.17
CA SER A 110 25.91 -9.72 0.57
C SER A 110 24.40 -9.62 0.44
N ASP A 111 23.66 -10.25 1.35
CA ASP A 111 22.21 -10.23 1.31
C ASP A 111 21.69 -9.01 2.08
N TRP A 112 20.38 -8.80 2.07
CA TRP A 112 19.79 -7.72 2.87
C TRP A 112 19.82 -8.03 4.35
N LEU A 113 19.49 -9.27 4.72
CA LEU A 113 19.48 -9.70 6.11
C LEU A 113 20.36 -10.93 6.28
N LEU A 114 21.13 -10.96 7.36
CA LEU A 114 22.00 -12.08 7.68
C LEU A 114 21.83 -12.44 9.15
N LEU A 115 21.73 -13.74 9.43
CA LEU A 115 21.63 -14.22 10.81
C LEU A 115 23.03 -14.55 11.31
N GLN A 116 23.48 -13.82 12.32
CA GLN A 116 24.81 -13.98 12.89
C GLN A 116 24.70 -14.68 14.24
N ALA A 117 25.46 -15.77 14.40
CA ALA A 117 25.47 -16.55 15.62
C ALA A 117 26.85 -16.53 16.25
N SER A 118 26.88 -16.52 17.58
CA SER A 118 28.14 -16.53 18.30
C SER A 118 28.91 -17.82 18.03
N ALA A 119 28.22 -18.96 18.00
CA ALA A 119 28.85 -20.23 17.70
C ALA A 119 27.82 -21.16 17.10
N GLU A 120 28.31 -22.18 16.40
CA GLU A 120 27.46 -23.21 15.81
C GLU A 120 27.77 -24.60 16.32
N VAL A 121 28.84 -24.78 17.09
CA VAL A 121 29.18 -26.04 17.72
C VAL A 121 29.14 -25.81 19.22
N VAL A 122 28.24 -24.91 19.65
CA VAL A 122 28.20 -24.47 21.04
C VAL A 122 27.90 -25.65 21.96
N MET A 123 28.59 -25.68 23.10
CA MET A 123 28.41 -26.70 24.12
C MET A 123 27.06 -26.48 24.82
N GLU A 124 26.75 -27.36 25.77
CA GLU A 124 25.58 -27.19 26.62
C GLU A 124 25.74 -26.05 27.61
N GLY A 125 26.95 -25.49 27.72
CA GLY A 125 27.28 -24.49 28.71
C GLY A 125 27.15 -23.08 28.18
N GLN A 126 28.28 -22.49 27.77
CA GLN A 126 28.39 -21.11 27.29
C GLN A 126 27.20 -20.72 26.42
N PRO A 127 26.65 -19.52 26.62
CA PRO A 127 25.36 -19.18 26.01
C PRO A 127 25.45 -19.05 24.50
N LEU A 128 24.27 -18.95 23.88
CA LEU A 128 24.12 -18.82 22.44
C LEU A 128 23.54 -17.45 22.11
N PHE A 129 24.18 -16.75 21.18
CA PHE A 129 23.79 -15.40 20.79
C PHE A 129 23.38 -15.39 19.33
N LEU A 130 22.23 -14.77 19.04
CA LEU A 130 21.70 -14.64 17.69
C LEU A 130 21.38 -13.18 17.42
N ARG A 131 21.75 -12.71 16.23
CA ARG A 131 21.53 -11.32 15.84
C ARG A 131 21.11 -11.26 14.39
N CYS A 132 20.11 -10.42 14.09
CA CYS A 132 19.65 -10.21 12.72
C CYS A 132 20.27 -8.92 12.20
N HIS A 133 21.33 -9.05 11.41
CA HIS A 133 22.08 -7.91 10.92
C HIS A 133 21.62 -7.55 9.50
N GLY A 134 21.14 -6.33 9.33
CA GLY A 134 20.82 -5.85 8.01
C GLY A 134 22.05 -5.37 7.26
N TRP A 135 21.85 -5.04 5.98
CA TRP A 135 22.95 -4.51 5.18
C TRP A 135 23.34 -3.14 5.72
N ARG A 136 24.64 -2.96 5.96
CA ARG A 136 25.15 -1.79 6.66
C ARG A 136 24.48 -1.66 8.03
N ASN A 137 24.54 -0.48 8.64
CA ASN A 137 23.85 -0.24 9.90
C ASN A 137 22.46 0.34 9.67
N TRP A 138 21.68 -0.33 8.82
CA TRP A 138 20.32 0.10 8.54
C TRP A 138 19.37 -0.47 9.58
N ASP A 139 18.43 0.37 10.05
CA ASP A 139 17.47 -0.06 11.05
C ASP A 139 16.53 -1.10 10.46
N VAL A 140 16.32 -2.19 11.21
CA VAL A 140 15.43 -3.27 10.81
C VAL A 140 14.27 -3.33 11.80
N TYR A 141 13.05 -3.29 11.29
CA TYR A 141 11.85 -3.30 12.12
C TYR A 141 11.05 -4.57 11.88
N LYS A 142 10.18 -4.89 12.84
CA LYS A 142 9.32 -6.07 12.79
C LYS A 142 10.15 -7.35 12.62
N VAL A 143 11.19 -7.47 13.43
CA VAL A 143 12.10 -8.61 13.31
C VAL A 143 11.46 -9.84 13.94
N ILE A 144 11.38 -10.92 13.17
CA ILE A 144 10.82 -12.19 13.62
C ILE A 144 11.88 -13.27 13.43
N TYR A 145 12.17 -13.99 14.51
CA TYR A 145 13.07 -15.14 14.47
C TYR A 145 12.26 -16.41 14.29
N TYR A 146 12.85 -17.39 13.61
CA TYR A 146 12.16 -18.65 13.34
C TYR A 146 12.91 -19.82 13.94
N LYS A 147 12.17 -20.91 14.16
CA LYS A 147 12.64 -22.11 14.85
C LYS A 147 12.25 -23.34 14.04
N ASP A 148 12.64 -23.35 12.77
CA ASP A 148 12.28 -24.39 11.80
C ASP A 148 10.76 -24.43 11.63
N GLY A 149 10.25 -23.33 11.06
CA GLY A 149 8.84 -23.18 10.81
C GLY A 149 8.10 -22.38 11.87
N GLU A 150 8.20 -22.80 13.12
CA GLU A 150 7.54 -22.09 14.20
C GLU A 150 8.33 -20.82 14.55
N ALA A 151 7.64 -19.69 14.60
CA ALA A 151 8.28 -18.44 14.95
C ALA A 151 8.70 -18.43 16.42
N LEU A 152 9.88 -17.88 16.69
CA LEU A 152 10.42 -17.84 18.05
C LEU A 152 10.07 -16.55 18.78
N LYS A 153 10.39 -15.39 18.21
CA LYS A 153 10.13 -14.12 18.86
C LYS A 153 9.95 -13.04 17.78
N TYR A 154 8.97 -12.18 18.01
CA TYR A 154 8.72 -11.02 17.15
C TYR A 154 8.87 -9.75 17.98
N TRP A 155 9.63 -8.79 17.44
CA TRP A 155 9.80 -7.50 18.11
C TRP A 155 9.67 -6.39 17.09
N TYR A 156 9.21 -5.23 17.58
CA TYR A 156 8.99 -4.08 16.70
C TYR A 156 10.30 -3.60 16.09
N GLU A 157 11.36 -3.56 16.87
CA GLU A 157 12.68 -3.15 16.40
C GLU A 157 13.62 -4.35 16.38
N ASN A 158 14.88 -4.11 16.02
CA ASN A 158 15.86 -5.17 16.01
C ASN A 158 16.19 -5.60 17.44
N HIS A 159 16.15 -6.91 17.68
CA HIS A 159 16.41 -7.47 19.00
C HIS A 159 17.30 -8.70 18.87
N ASN A 160 18.08 -8.96 19.92
CA ASN A 160 18.98 -10.09 19.96
C ASN A 160 18.34 -11.27 20.68
N ILE A 161 18.94 -12.44 20.50
CA ILE A 161 18.59 -13.65 21.23
C ILE A 161 19.79 -14.05 22.07
N SER A 162 19.58 -14.20 23.37
CA SER A 162 20.66 -14.34 24.35
C SER A 162 20.46 -15.58 25.20
N ILE A 163 20.25 -16.73 24.55
CA ILE A 163 19.85 -17.94 25.27
C ILE A 163 21.00 -18.36 26.17
N THR A 164 20.82 -18.20 27.48
CA THR A 164 21.84 -18.56 28.45
C THR A 164 21.72 -20.02 28.83
N ASN A 165 22.82 -20.76 28.70
CA ASN A 165 22.89 -22.19 29.01
C ASN A 165 21.86 -22.97 28.19
N ALA A 166 22.05 -22.91 26.87
CA ALA A 166 21.14 -23.58 25.96
C ALA A 166 21.16 -25.08 26.16
N THR A 167 19.98 -25.69 26.21
CA THR A 167 19.85 -27.13 26.41
C THR A 167 19.80 -27.84 25.06
N VAL A 168 19.45 -29.13 25.07
CA VAL A 168 19.50 -29.93 23.86
C VAL A 168 18.48 -29.48 22.83
N GLU A 169 17.29 -29.06 23.27
CA GLU A 169 16.22 -28.71 22.33
C GLU A 169 16.52 -27.46 21.53
N ASP A 170 17.53 -26.68 21.91
CA ASP A 170 17.87 -25.45 21.19
C ASP A 170 18.82 -25.77 20.04
N SER A 171 18.25 -26.41 19.02
CA SER A 171 19.00 -26.78 17.83
C SER A 171 18.07 -26.78 16.63
N GLY A 172 18.67 -26.68 15.44
CA GLY A 172 17.90 -26.71 14.22
C GLY A 172 18.21 -25.58 13.25
N THR A 173 17.23 -25.21 12.43
CA THR A 173 17.38 -24.17 11.44
C THR A 173 16.81 -22.86 11.98
N TYR A 174 17.59 -21.79 11.87
CA TYR A 174 17.20 -20.47 12.34
C TYR A 174 17.33 -19.47 11.21
N TYR A 175 16.36 -18.55 11.13
CA TYR A 175 16.43 -17.44 10.19
C TYR A 175 15.52 -16.33 10.68
N CYS A 176 15.85 -15.10 10.30
CA CYS A 176 15.11 -13.92 10.73
C CYS A 176 14.54 -13.17 9.53
N THR A 177 13.30 -12.72 9.68
CA THR A 177 12.62 -11.92 8.68
C THR A 177 12.37 -10.52 9.23
N GLY A 178 12.70 -9.50 8.44
CA GLY A 178 12.61 -8.14 8.90
C GLY A 178 12.03 -7.22 7.83
N LYS A 179 11.94 -5.94 8.19
CA LYS A 179 11.41 -4.91 7.30
C LYS A 179 12.45 -3.79 7.22
N VAL A 180 13.16 -3.72 6.10
CA VAL A 180 14.16 -2.69 5.85
C VAL A 180 13.65 -1.75 4.78
N TRP A 181 13.73 -0.46 5.04
CA TRP A 181 13.25 0.57 4.11
C TRP A 181 11.79 0.32 3.75
N GLN A 182 11.00 -0.07 4.74
CA GLN A 182 9.58 -0.39 4.61
C GLN A 182 9.30 -1.52 3.64
N LEU A 183 10.28 -2.39 3.39
CA LEU A 183 10.12 -3.54 2.51
C LEU A 183 10.53 -4.81 3.25
N ASP A 184 9.78 -5.88 3.02
CA ASP A 184 10.03 -7.14 3.72
C ASP A 184 11.21 -7.88 3.10
N TYR A 185 12.08 -8.40 3.96
CA TYR A 185 13.19 -9.23 3.53
C TYR A 185 13.35 -10.39 4.49
N GLU A 186 13.95 -11.47 3.99
CA GLU A 186 14.18 -12.69 4.76
C GLU A 186 15.65 -13.07 4.68
N SER A 187 16.17 -13.58 5.79
CA SER A 187 17.57 -13.99 5.86
C SER A 187 17.73 -15.41 5.32
N GLU A 188 18.94 -15.97 5.44
CA GLU A 188 19.25 -17.31 4.99
C GLU A 188 19.23 -18.29 6.16
N PRO A 189 18.85 -19.54 5.93
CA PRO A 189 18.82 -20.52 7.02
C PRO A 189 20.21 -20.79 7.58
N LEU A 190 20.26 -21.00 8.89
CA LEU A 190 21.49 -21.31 9.59
C LEU A 190 21.27 -22.53 10.48
N ASN A 191 22.12 -23.53 10.37
CA ASN A 191 22.00 -24.76 11.13
C ASN A 191 22.84 -24.65 12.39
N ILE A 192 22.20 -24.80 13.56
CA ILE A 192 22.87 -24.69 14.84
C ILE A 192 22.68 -26.00 15.61
N THR A 193 23.78 -26.59 16.06
CA THR A 193 23.76 -27.81 16.85
C THR A 193 24.41 -27.53 18.21
N VAL A 194 23.82 -28.09 19.26
CA VAL A 194 24.27 -27.86 20.62
C VAL A 194 24.91 -29.08 21.25
N ILE A 195 24.67 -30.28 20.71
CA ILE A 195 25.23 -31.56 21.15
C ILE A 195 24.85 -31.86 22.60
N LYS A 196 25.16 -33.07 23.06
CA LYS A 196 24.79 -33.55 24.39
C LYS A 196 25.99 -33.50 25.32
N ALA A 197 25.78 -33.94 26.56
CA ALA A 197 26.84 -33.90 27.56
C ALA A 197 28.01 -34.80 27.14
N PRO A 198 29.25 -34.40 27.42
CA PRO A 198 30.40 -35.17 26.94
C PRO A 198 30.51 -36.57 27.52
N ARG A 199 30.57 -36.68 28.84
CA ARG A 199 30.81 -37.96 29.49
C ARG A 199 29.70 -38.38 30.45
N GLU A 200 29.30 -37.50 31.36
CA GLU A 200 28.36 -37.82 32.44
C GLU A 200 28.87 -39.03 33.22
N LYS A 201 28.33 -40.22 32.91
CA LYS A 201 28.74 -41.47 33.53
C LYS A 201 28.66 -41.40 35.05
N TYR A 202 29.82 -41.34 35.71
CA TYR A 202 29.96 -41.28 37.16
C TYR A 202 29.39 -42.49 37.88
N TRP A 203 29.06 -43.55 37.13
CA TRP A 203 28.50 -44.80 37.67
C TRP A 203 27.46 -44.58 38.78
N THR B 31 -17.06 30.04 16.40
CA THR B 31 -16.36 28.86 15.92
C THR B 31 -14.87 29.14 15.76
N VAL B 32 -14.05 28.38 16.48
CA VAL B 32 -12.60 28.52 16.46
C VAL B 32 -12.01 27.22 15.94
N LYS B 33 -11.23 27.31 14.86
CA LYS B 33 -10.54 26.17 14.28
C LYS B 33 -9.06 26.52 14.11
N ILE B 34 -8.27 25.49 13.82
CA ILE B 34 -6.82 25.63 13.74
C ILE B 34 -6.32 24.99 12.45
N LEU B 35 -5.17 25.48 11.98
CA LEU B 35 -4.53 24.94 10.78
C LEU B 35 -3.02 25.07 10.93
N GLN B 36 -2.30 24.00 10.60
CA GLN B 36 -0.85 24.03 10.61
C GLN B 36 -0.33 24.23 9.18
N SER B 37 0.98 24.10 8.99
CA SER B 37 1.59 24.14 7.68
C SER B 37 1.73 22.72 7.16
N SER B 38 1.26 22.49 5.94
CA SER B 38 1.21 21.14 5.39
C SER B 38 2.62 20.62 5.11
N CYS B 39 2.81 19.33 5.41
CA CYS B 39 4.07 18.67 5.12
C CYS B 39 4.23 18.50 3.60
N ASP B 40 5.42 18.82 3.12
CA ASP B 40 5.67 18.99 1.68
C ASP B 40 6.19 17.68 1.08
N GLY B 41 5.74 17.39 -0.14
CA GLY B 41 6.26 16.28 -0.92
C GLY B 41 6.10 14.92 -0.27
N GLY B 42 7.22 14.25 -0.02
CA GLY B 42 7.23 12.94 0.60
C GLY B 42 6.96 12.93 2.08
N GLY B 43 6.68 14.09 2.68
CA GLY B 43 6.38 14.16 4.09
C GLY B 43 7.49 14.72 4.95
N HIS B 44 8.11 15.81 4.50
CA HIS B 44 9.14 16.50 5.25
C HIS B 44 8.61 17.85 5.73
N PHE B 45 8.84 18.16 6.99
CA PHE B 45 8.31 19.39 7.56
C PHE B 45 9.02 20.60 6.94
N PRO B 46 8.28 21.55 6.37
CA PRO B 46 8.94 22.72 5.80
C PRO B 46 9.49 23.62 6.88
N PRO B 47 10.56 24.36 6.60
CA PRO B 47 11.07 25.32 7.58
C PRO B 47 10.09 26.46 7.81
N THR B 48 10.21 27.08 8.98
CA THR B 48 9.35 28.20 9.39
C THR B 48 7.87 27.80 9.36
N ILE B 49 7.53 26.86 10.24
CA ILE B 49 6.16 26.37 10.32
C ILE B 49 5.23 27.50 10.74
N GLN B 50 4.11 27.63 10.02
CA GLN B 50 3.13 28.69 10.27
C GLN B 50 1.85 28.07 10.82
N LEU B 51 1.34 28.67 11.91
CA LEU B 51 0.12 28.23 12.55
C LEU B 51 -0.94 29.32 12.41
N LEU B 52 -2.13 28.92 11.97
CA LEU B 52 -3.26 29.80 11.69
C LEU B 52 -4.42 29.44 12.61
N CYS B 53 -5.01 30.45 13.24
CA CYS B 53 -6.19 30.27 14.08
C CYS B 53 -7.35 31.00 13.44
N LEU B 54 -8.36 30.27 12.99
CA LEU B 54 -9.53 30.83 12.32
C LEU B 54 -10.66 30.96 13.33
N VAL B 55 -10.96 32.20 13.73
CA VAL B 55 -12.07 32.49 14.62
C VAL B 55 -13.11 33.21 13.79
N SER B 56 -14.29 32.60 13.65
CA SER B 56 -15.33 33.15 12.78
C SER B 56 -16.69 32.73 13.30
N GLY B 57 -17.72 33.41 12.81
CA GLY B 57 -19.09 33.12 13.22
C GLY B 57 -19.40 33.64 14.60
N TYR B 58 -19.36 34.97 14.77
CA TYR B 58 -19.60 35.57 16.07
C TYR B 58 -20.20 36.95 15.88
N THR B 59 -20.82 37.46 16.95
CA THR B 59 -21.28 38.83 16.96
C THR B 59 -20.10 39.77 17.19
N PRO B 60 -19.92 40.79 16.35
CA PRO B 60 -18.77 41.69 16.53
C PRO B 60 -18.79 42.37 17.89
N GLY B 61 -17.61 42.51 18.48
CA GLY B 61 -17.50 43.12 19.80
C GLY B 61 -16.09 42.99 20.35
N THR B 62 -16.01 42.85 21.67
CA THR B 62 -14.73 42.71 22.36
C THR B 62 -14.25 41.28 22.23
N ILE B 63 -13.59 40.99 21.11
CA ILE B 63 -13.07 39.66 20.82
C ILE B 63 -11.57 39.66 21.09
N GLN B 64 -11.12 38.83 22.01
CA GLN B 64 -9.72 38.72 22.38
C GLN B 64 -9.23 37.30 22.25
N ILE B 65 -8.11 37.12 21.55
CA ILE B 65 -7.53 35.82 21.25
C ILE B 65 -6.13 35.77 21.82
N THR B 66 -5.81 34.66 22.50
CA THR B 66 -4.53 34.48 23.16
C THR B 66 -3.88 33.17 22.70
N TRP B 67 -2.56 33.15 22.75
CA TRP B 67 -1.76 31.97 22.42
C TRP B 67 -1.00 31.51 23.65
N LEU B 68 -1.00 30.20 23.88
CA LEU B 68 -0.37 29.61 25.05
C LEU B 68 0.62 28.54 24.61
N GLU B 69 1.78 28.51 25.26
CA GLU B 69 2.78 27.48 25.03
C GLU B 69 2.98 26.71 26.33
N ASP B 70 2.44 25.50 26.38
CA ASP B 70 2.55 24.62 27.56
C ASP B 70 2.06 25.31 28.82
N GLY B 71 0.94 26.02 28.71
CA GLY B 71 0.37 26.70 29.85
C GLY B 71 0.95 28.06 30.14
N GLN B 72 1.80 28.59 29.26
CA GLN B 72 2.40 29.90 29.42
C GLN B 72 1.75 30.89 28.47
N VAL B 73 2.31 32.10 28.39
CA VAL B 73 1.81 33.14 27.52
C VAL B 73 2.70 33.22 26.28
N MET B 74 2.09 33.27 25.11
CA MET B 74 2.82 33.35 23.84
C MET B 74 2.41 34.54 22.99
N ASP B 75 1.11 34.87 22.95
CA ASP B 75 0.64 35.98 22.14
C ASP B 75 -0.73 36.40 22.64
N VAL B 76 -0.99 37.71 22.61
CA VAL B 76 -2.28 38.27 22.99
C VAL B 76 -2.76 39.16 21.84
N ASP B 77 -3.99 38.93 21.40
CA ASP B 77 -4.54 39.66 20.26
C ASP B 77 -5.92 40.20 20.61
N LEU B 78 -6.27 41.32 19.97
CA LEU B 78 -7.56 41.95 20.13
C LEU B 78 -8.16 42.24 18.77
N SER B 79 -9.45 41.94 18.61
CA SER B 79 -10.14 42.15 17.35
C SER B 79 -11.55 42.62 17.63
N THR B 80 -12.12 43.33 16.64
CA THR B 80 -13.48 43.84 16.76
C THR B 80 -14.50 42.78 16.35
N ALA B 90 -13.70 38.17 11.50
CA ALA B 90 -12.32 38.09 11.02
C ALA B 90 -11.49 37.18 11.90
N SER B 91 -10.57 36.45 11.29
CA SER B 91 -9.69 35.53 12.02
C SER B 91 -8.54 36.30 12.63
N THR B 92 -7.54 35.58 13.14
CA THR B 92 -6.37 36.21 13.74
C THR B 92 -5.57 36.96 12.68
N GLN B 93 -5.11 38.16 13.04
CA GLN B 93 -4.28 38.97 12.16
C GLN B 93 -2.79 38.70 12.33
N SER B 94 -2.40 37.93 13.35
CA SER B 94 -1.02 37.54 13.57
C SER B 94 -0.94 36.01 13.62
N GLU B 95 0.02 35.46 12.88
CA GLU B 95 0.14 34.01 12.73
C GLU B 95 1.41 33.53 13.41
N LEU B 96 1.38 32.30 13.94
CA LEU B 96 2.51 31.80 14.70
C LEU B 96 3.59 31.29 13.76
N THR B 97 4.74 31.96 13.74
CA THR B 97 5.89 31.53 12.95
C THR B 97 6.90 30.87 13.88
N LEU B 98 7.25 29.63 13.58
CA LEU B 98 8.19 28.86 14.40
C LEU B 98 9.41 28.49 13.56
N SER B 99 10.27 27.66 14.14
CA SER B 99 11.44 27.12 13.46
C SER B 99 11.44 25.61 13.61
N GLN B 100 12.44 24.95 13.01
CA GLN B 100 12.54 23.50 13.11
C GLN B 100 13.24 23.10 14.41
N LYS B 101 12.88 23.74 15.52
CA LYS B 101 13.42 23.41 16.83
C LYS B 101 12.28 23.12 17.80
N HIS B 102 11.18 23.84 17.63
CA HIS B 102 10.01 23.66 18.49
C HIS B 102 9.04 22.61 17.96
N TRP B 103 8.82 22.59 16.64
CA TRP B 103 7.90 21.63 16.04
C TRP B 103 8.59 20.31 15.78
N LEU B 104 9.32 19.79 16.76
CA LEU B 104 9.99 18.50 16.64
C LEU B 104 9.81 17.61 17.87
N SER B 105 9.32 18.13 18.99
CA SER B 105 9.17 17.35 20.21
C SER B 105 7.79 17.57 20.81
N ASP B 106 7.59 17.10 22.04
CA ASP B 106 6.30 17.23 22.71
C ASP B 106 6.07 18.67 23.18
N ARG B 107 5.51 19.50 22.30
CA ARG B 107 5.16 20.87 22.63
C ARG B 107 3.70 21.11 22.27
N THR B 108 2.94 21.65 23.21
CA THR B 108 1.52 21.90 23.02
C THR B 108 1.27 23.40 22.86
N TYR B 109 0.57 23.77 21.79
CA TYR B 109 0.24 25.16 21.52
C TYR B 109 -1.27 25.32 21.56
N THR B 110 -1.74 26.27 22.36
CA THR B 110 -3.17 26.45 22.61
C THR B 110 -3.63 27.80 22.05
N CYS B 111 -4.69 27.76 21.25
CA CYS B 111 -5.38 28.97 20.81
C CYS B 111 -6.63 29.13 21.67
N GLN B 112 -6.74 30.27 22.33
CA GLN B 112 -7.84 30.53 23.26
C GLN B 112 -8.56 31.80 22.87
N VAL B 113 -9.87 31.80 23.02
CA VAL B 113 -10.70 32.98 22.80
C VAL B 113 -11.43 33.28 24.09
N THR B 114 -11.29 34.52 24.57
CA THR B 114 -11.91 34.90 25.84
C THR B 114 -12.91 36.03 25.61
N TYR B 115 -13.78 35.84 24.62
CA TYR B 115 -14.63 36.90 24.09
C TYR B 115 -15.83 37.12 25.01
N GLN B 116 -15.89 38.30 25.62
CA GLN B 116 -17.01 38.71 26.48
C GLN B 116 -17.26 37.70 27.60
N GLY B 117 -16.18 37.19 28.20
CA GLY B 117 -16.28 36.22 29.26
C GLY B 117 -16.54 34.80 28.81
N HIS B 118 -16.64 34.56 27.51
CA HIS B 118 -16.84 33.22 26.96
C HIS B 118 -15.49 32.69 26.50
N THR B 119 -15.08 31.56 27.07
CA THR B 119 -13.76 30.99 26.85
C THR B 119 -13.87 29.74 25.99
N PHE B 120 -13.11 29.72 24.89
CA PHE B 120 -13.02 28.58 23.99
C PHE B 120 -11.56 28.22 23.81
N GLU B 121 -11.26 26.92 23.82
CA GLU B 121 -9.89 26.44 23.79
C GLU B 121 -9.70 25.47 22.63
N ASP B 122 -8.51 25.51 22.02
CA ASP B 122 -8.11 24.53 21.03
C ASP B 122 -6.64 24.21 21.24
N SER B 123 -6.30 22.92 21.18
CA SER B 123 -4.95 22.46 21.45
C SER B 123 -4.33 21.86 20.18
N THR B 124 -3.04 22.08 20.01
CA THR B 124 -2.31 21.60 18.84
C THR B 124 -0.97 21.01 19.27
N LYS B 125 -0.53 20.01 18.54
CA LYS B 125 0.74 19.34 18.78
C LYS B 125 1.13 18.63 17.49
N LYS B 126 2.44 18.46 17.30
CA LYS B 126 2.94 17.64 16.21
C LYS B 126 2.18 16.33 16.16
N CYS B 127 1.54 16.06 15.02
CA CYS B 127 0.61 14.94 14.91
C CYS B 127 1.32 13.63 15.25
N ALA B 128 0.73 12.87 16.17
CA ALA B 128 1.35 11.65 16.66
C ALA B 128 1.40 10.59 15.56
N ASP B 129 2.28 9.61 15.76
CA ASP B 129 2.43 8.53 14.79
C ASP B 129 1.13 7.75 14.66
N SER B 130 0.69 7.53 13.43
CA SER B 130 -0.52 6.74 13.20
C SER B 130 -0.29 5.27 13.55
N ASN B 131 0.93 4.78 13.40
CA ASN B 131 1.28 3.40 13.72
C ASN B 131 2.52 3.41 14.62
N PRO B 132 2.35 3.71 15.90
CA PRO B 132 3.50 3.67 16.82
C PRO B 132 4.09 2.28 16.90
N ARG B 133 5.43 2.21 16.81
CA ARG B 133 6.20 0.98 16.82
C ARG B 133 5.78 0.01 15.74
N GLY B 134 5.09 0.48 14.70
CA GLY B 134 4.64 -0.38 13.62
C GLY B 134 3.31 -1.06 13.85
N VAL B 135 2.71 -0.90 15.04
CA VAL B 135 1.43 -1.52 15.31
C VAL B 135 0.35 -0.80 14.52
N SER B 136 -0.43 -1.54 13.75
CA SER B 136 -1.41 -0.95 12.85
C SER B 136 -2.82 -1.09 13.41
N ALA B 137 -3.65 -0.08 13.13
CA ALA B 137 -5.03 -0.08 13.56
C ALA B 137 -5.93 0.28 12.38
N TYR B 138 -6.92 -0.57 12.11
CA TYR B 138 -7.88 -0.35 11.04
C TYR B 138 -9.29 -0.35 11.60
N LEU B 139 -10.04 0.69 11.29
CA LEU B 139 -11.43 0.83 11.75
C LEU B 139 -12.34 0.74 10.54
N SER B 140 -13.05 -0.38 10.42
CA SER B 140 -13.94 -0.61 9.29
C SER B 140 -15.24 0.17 9.48
N ARG B 141 -16.11 0.08 8.48
CA ARG B 141 -17.40 0.75 8.47
C ARG B 141 -18.49 -0.24 8.12
N PRO B 142 -19.70 -0.04 8.61
CA PRO B 142 -20.79 -0.97 8.29
C PRO B 142 -21.21 -0.87 6.83
N SER B 143 -21.44 -2.03 6.22
CA SER B 143 -21.93 -2.07 4.86
C SER B 143 -23.37 -1.59 4.80
N PRO B 144 -23.83 -1.10 3.65
CA PRO B 144 -25.25 -0.77 3.51
C PRO B 144 -26.17 -1.96 3.76
N PHE B 145 -25.70 -3.18 3.48
CA PHE B 145 -26.56 -4.35 3.60
C PHE B 145 -27.04 -4.55 5.03
N ASP B 146 -26.13 -4.52 5.99
CA ASP B 146 -26.54 -4.62 7.39
C ASP B 146 -26.84 -3.26 8.01
N LEU B 147 -26.60 -2.17 7.29
CA LEU B 147 -27.03 -0.85 7.77
C LEU B 147 -28.52 -0.61 7.55
N PHE B 148 -29.08 -1.15 6.47
CA PHE B 148 -30.48 -0.90 6.15
C PHE B 148 -31.34 -2.16 6.11
N ILE B 149 -30.83 -3.27 5.60
CA ILE B 149 -31.64 -4.48 5.47
C ILE B 149 -31.59 -5.32 6.73
N ARG B 150 -30.39 -5.68 7.20
CA ARG B 150 -30.27 -6.48 8.41
C ARG B 150 -30.55 -5.66 9.67
N LYS B 151 -30.42 -4.34 9.59
CA LYS B 151 -30.69 -3.43 10.70
C LYS B 151 -29.82 -3.71 11.92
N SER B 152 -28.67 -4.36 11.72
CA SER B 152 -27.71 -4.63 12.80
C SER B 152 -26.31 -4.22 12.34
N PRO B 153 -26.06 -2.92 12.22
CA PRO B 153 -24.72 -2.47 11.80
C PRO B 153 -23.68 -2.82 12.85
N THR B 154 -22.47 -3.10 12.38
CA THR B 154 -21.35 -3.44 13.26
C THR B 154 -20.09 -2.76 12.75
N ILE B 155 -19.31 -2.20 13.67
CA ILE B 155 -18.02 -1.60 13.35
C ILE B 155 -16.92 -2.43 14.01
N THR B 156 -15.87 -2.74 13.23
CA THR B 156 -14.79 -3.60 13.69
C THR B 156 -13.51 -2.79 13.79
N CYS B 157 -12.91 -2.77 14.97
CA CYS B 157 -11.58 -2.23 15.19
C CYS B 157 -10.59 -3.39 15.23
N LEU B 158 -9.58 -3.34 14.36
CA LEU B 158 -8.60 -4.40 14.21
C LEU B 158 -7.21 -3.83 14.50
N VAL B 159 -6.57 -4.34 15.53
CA VAL B 159 -5.22 -3.95 15.90
C VAL B 159 -4.31 -5.12 15.56
N VAL B 160 -3.35 -4.88 14.65
CA VAL B 160 -2.47 -5.93 14.16
C VAL B 160 -1.02 -5.49 14.36
N ASP B 161 -0.12 -6.46 14.19
CA ASP B 161 1.32 -6.29 14.38
C ASP B 161 1.68 -6.00 15.84
N LEU B 162 0.86 -6.49 16.77
CA LEU B 162 1.17 -6.39 18.19
C LEU B 162 2.13 -7.51 18.59
N ALA B 163 2.55 -7.49 19.85
CA ALA B 163 3.46 -8.49 20.37
C ALA B 163 2.91 -9.09 21.66
N PRO B 164 3.17 -10.37 21.92
CA PRO B 164 2.70 -10.97 23.17
C PRO B 164 3.37 -10.34 24.37
N SER B 165 2.62 -10.24 25.46
CA SER B 165 3.12 -9.64 26.70
C SER B 165 2.27 -10.13 27.86
N LYS B 166 2.80 -9.92 29.06
CA LYS B 166 2.08 -10.27 30.30
C LYS B 166 1.08 -9.17 30.61
N GLY B 167 -0.15 -9.35 30.15
CA GLY B 167 -1.20 -8.37 30.35
C GLY B 167 -2.27 -8.53 29.28
N THR B 168 -3.07 -7.48 29.13
CA THR B 168 -4.15 -7.45 28.16
C THR B 168 -4.12 -6.15 27.39
N VAL B 169 -4.65 -6.20 26.17
CA VAL B 169 -4.73 -5.03 25.31
C VAL B 169 -6.02 -4.29 25.65
N GLN B 170 -5.90 -3.15 26.32
CA GLN B 170 -7.05 -2.36 26.74
C GLN B 170 -7.58 -1.57 25.55
N LEU B 171 -8.79 -1.90 25.11
CA LEU B 171 -9.44 -1.21 24.01
C LEU B 171 -10.77 -0.65 24.49
N THR B 172 -11.07 0.59 24.10
CA THR B 172 -12.26 1.29 24.52
C THR B 172 -12.99 1.85 23.31
N TRP B 173 -14.32 1.84 23.38
CA TRP B 173 -15.17 2.41 22.35
C TRP B 173 -15.86 3.65 22.92
N SER B 174 -15.83 4.74 22.16
CA SER B 174 -16.42 5.99 22.61
C SER B 174 -17.13 6.69 21.44
N ARG B 175 -17.89 7.72 21.78
CA ARG B 175 -18.55 8.57 20.80
C ARG B 175 -18.11 10.01 21.01
N ALA B 176 -17.86 10.71 19.90
CA ALA B 176 -17.34 12.08 19.98
C ALA B 176 -18.34 13.00 20.68
N SER B 177 -19.63 12.88 20.33
CA SER B 177 -20.65 13.67 21.01
C SER B 177 -20.75 13.27 22.48
N GLY B 178 -20.65 11.99 22.77
CA GLY B 178 -20.72 11.48 24.13
C GLY B 178 -22.07 10.86 24.43
N LYS B 179 -22.15 9.55 24.33
CA LYS B 179 -23.39 8.81 24.51
C LYS B 179 -23.04 7.41 24.99
N PRO B 180 -24.00 6.70 25.60
CA PRO B 180 -23.72 5.33 26.04
C PRO B 180 -23.33 4.42 24.89
N VAL B 181 -22.46 3.45 25.19
CA VAL B 181 -21.95 2.50 24.22
C VAL B 181 -22.64 1.16 24.46
N ASN B 182 -22.53 0.28 23.47
CA ASN B 182 -23.21 -1.01 23.46
C ASN B 182 -22.22 -2.18 23.55
N HIS B 183 -21.23 -2.06 24.42
CA HIS B 183 -20.23 -3.11 24.67
C HIS B 183 -19.43 -3.43 23.42
N SER B 184 -18.75 -4.57 23.42
CA SER B 184 -17.94 -5.00 22.28
C SER B 184 -17.62 -6.47 22.43
N THR B 185 -17.46 -7.15 21.29
CA THR B 185 -17.09 -8.56 21.26
C THR B 185 -15.59 -8.66 21.01
N ARG B 186 -14.82 -8.47 22.09
CA ARG B 186 -13.37 -8.51 21.99
C ARG B 186 -12.88 -9.93 21.77
N LYS B 187 -11.83 -10.04 20.95
CA LYS B 187 -11.26 -11.34 20.60
C LYS B 187 -9.77 -11.18 20.37
N GLU B 188 -8.98 -12.14 20.85
CA GLU B 188 -7.54 -12.14 20.69
C GLU B 188 -7.11 -13.28 19.77
N GLU B 189 -6.00 -13.07 19.07
CA GLU B 189 -5.48 -14.06 18.14
C GLU B 189 -3.99 -14.27 18.38
N LYS B 190 -3.48 -15.38 17.86
CA LYS B 190 -2.11 -15.85 18.10
C LYS B 190 -1.46 -16.26 16.79
N GLN B 191 -1.48 -15.34 15.81
CA GLN B 191 -0.95 -15.61 14.47
C GLN B 191 0.42 -16.27 14.52
N ARG B 192 0.69 -17.09 13.49
CA ARG B 192 1.87 -17.94 13.49
C ARG B 192 3.17 -17.16 13.49
N ASN B 193 3.18 -15.96 12.88
CA ASN B 193 4.43 -15.22 12.80
C ASN B 193 4.83 -14.57 14.13
N GLY B 194 4.17 -14.89 15.23
CA GLY B 194 4.52 -14.35 16.53
C GLY B 194 3.81 -13.07 16.89
N THR B 195 3.13 -12.42 15.94
CA THR B 195 2.42 -11.19 16.23
C THR B 195 1.04 -11.46 16.78
N LEU B 196 0.55 -10.53 17.60
CA LEU B 196 -0.78 -10.64 18.17
C LEU B 196 -1.79 -9.94 17.27
N THR B 197 -3.08 -10.12 17.58
CA THR B 197 -4.15 -9.48 16.84
C THR B 197 -5.38 -9.31 17.72
N VAL B 198 -5.91 -8.09 17.77
CA VAL B 198 -7.08 -7.77 18.60
C VAL B 198 -8.21 -7.35 17.68
N THR B 199 -9.34 -8.03 17.78
CA THR B 199 -10.54 -7.71 17.00
C THR B 199 -11.65 -7.30 17.95
N SER B 200 -12.31 -6.19 17.65
CA SER B 200 -13.41 -5.72 18.50
C SER B 200 -14.57 -5.29 17.62
N THR B 201 -15.69 -6.00 17.72
CA THR B 201 -16.90 -5.69 16.97
C THR B 201 -17.91 -5.02 17.90
N LEU B 202 -18.41 -3.87 17.50
CA LEU B 202 -19.39 -3.11 18.26
C LEU B 202 -20.64 -2.92 17.41
N PRO B 203 -21.81 -3.38 17.87
CA PRO B 203 -23.06 -3.11 17.15
C PRO B 203 -23.55 -1.69 17.44
N VAL B 204 -23.99 -0.99 16.39
CA VAL B 204 -24.41 0.40 16.51
C VAL B 204 -25.82 0.54 15.94
N GLY B 205 -26.48 1.62 16.35
CA GLY B 205 -27.80 1.91 15.81
C GLY B 205 -27.71 2.56 14.45
N THR B 206 -28.61 2.15 13.54
CA THR B 206 -28.63 2.72 12.20
C THR B 206 -28.99 4.19 12.23
N ARG B 207 -29.90 4.59 13.12
CA ARG B 207 -30.28 5.99 13.23
C ARG B 207 -29.09 6.85 13.66
N ASP B 208 -28.30 6.36 14.62
CA ASP B 208 -27.14 7.11 15.08
C ASP B 208 -26.11 7.28 13.96
N TRP B 209 -25.88 6.22 13.19
CA TRP B 209 -24.90 6.30 12.11
C TRP B 209 -25.38 7.19 10.98
N ILE B 210 -26.70 7.19 10.70
CA ILE B 210 -27.24 8.00 9.62
C ILE B 210 -27.06 9.48 9.91
N GLU B 211 -27.31 9.90 11.16
CA GLU B 211 -27.19 11.31 11.52
C GLU B 211 -25.75 11.83 11.40
N GLY B 212 -24.76 10.95 11.46
CA GLY B 212 -23.39 11.36 11.30
C GLY B 212 -22.57 11.31 12.58
N GLU B 213 -22.87 10.35 13.45
CA GLU B 213 -22.11 10.20 14.68
C GLU B 213 -20.70 9.68 14.38
N THR B 214 -19.77 10.04 15.26
CA THR B 214 -18.38 9.63 15.14
C THR B 214 -18.09 8.56 16.20
N TYR B 215 -17.56 7.42 15.76
CA TYR B 215 -17.22 6.32 16.64
C TYR B 215 -15.71 6.23 16.77
N GLN B 216 -15.22 6.14 18.01
CA GLN B 216 -13.80 6.23 18.31
C GLN B 216 -13.33 4.95 18.97
N CYS B 217 -12.26 4.37 18.44
CA CYS B 217 -11.60 3.20 18.98
C CYS B 217 -10.26 3.63 19.58
N ARG B 218 -10.06 3.30 20.86
CA ARG B 218 -8.86 3.70 21.60
C ARG B 218 -8.14 2.46 22.11
N VAL B 219 -6.83 2.40 21.88
CA VAL B 219 -6.00 1.28 22.31
C VAL B 219 -4.92 1.83 23.24
N THR B 220 -4.76 1.19 24.41
CA THR B 220 -3.82 1.63 25.42
C THR B 220 -2.93 0.47 25.88
N HIS B 221 -2.36 -0.24 24.92
CA HIS B 221 -1.42 -1.30 25.25
C HIS B 221 -0.18 -0.71 25.91
N PRO B 222 0.37 -1.37 26.94
CA PRO B 222 1.56 -0.81 27.61
C PRO B 222 2.76 -0.64 26.69
N HIS B 223 2.93 -1.50 25.69
CA HIS B 223 4.05 -1.35 24.77
C HIS B 223 3.95 -0.05 23.97
N LEU B 224 2.74 0.29 23.53
CA LEU B 224 2.55 1.51 22.76
C LEU B 224 2.80 2.73 23.64
N PRO B 225 3.56 3.72 23.15
CA PRO B 225 3.89 4.89 23.96
C PRO B 225 2.70 5.59 24.60
N ARG B 226 1.75 6.08 23.79
CA ARG B 226 0.62 6.84 24.32
C ARG B 226 -0.71 6.13 24.12
N ALA B 227 -1.10 5.84 22.87
CA ALA B 227 -2.37 5.21 22.54
C ALA B 227 -2.46 5.05 21.03
N LEU B 228 -3.49 4.33 20.59
CA LEU B 228 -3.91 4.28 19.20
C LEU B 228 -5.32 4.85 19.14
N MET B 229 -5.51 5.90 18.33
CA MET B 229 -6.73 6.70 18.35
C MET B 229 -7.32 6.69 16.93
N ARG B 230 -8.34 5.89 16.70
CA ARG B 230 -8.99 5.79 15.40
C ARG B 230 -10.42 6.31 15.47
N SER B 231 -10.86 6.97 14.42
CA SER B 231 -12.20 7.53 14.36
C SER B 231 -12.86 7.18 13.03
N THR B 232 -14.17 6.94 13.08
CA THR B 232 -14.96 6.68 11.89
C THR B 232 -16.22 7.53 11.90
N THR B 233 -16.64 7.93 10.70
CA THR B 233 -17.80 8.79 10.52
C THR B 233 -18.33 8.59 9.11
N LYS B 234 -19.66 8.65 8.97
CA LYS B 234 -20.29 8.50 7.68
C LYS B 234 -19.76 9.54 6.69
N THR B 235 -19.45 9.09 5.48
CA THR B 235 -18.87 9.97 4.48
C THR B 235 -19.83 11.10 4.11
N SER B 236 -19.29 12.31 4.02
CA SER B 236 -20.06 13.48 3.66
C SER B 236 -19.91 13.78 2.17
N GLY B 237 -20.80 14.62 1.66
CA GLY B 237 -20.78 15.01 0.26
C GLY B 237 -22.12 14.82 -0.41
N PRO B 238 -22.15 15.01 -1.73
CA PRO B 238 -23.40 14.84 -2.47
C PRO B 238 -23.86 13.38 -2.47
N ARG B 239 -25.18 13.22 -2.57
CA ARG B 239 -25.80 11.90 -2.60
C ARG B 239 -26.61 11.76 -3.87
N ALA B 240 -26.45 10.63 -4.56
CA ALA B 240 -27.15 10.35 -5.80
C ALA B 240 -27.71 8.94 -5.76
N ALA B 241 -28.97 8.79 -6.15
CA ALA B 241 -29.58 7.46 -6.17
C ALA B 241 -28.95 6.62 -7.28
N PRO B 242 -28.55 5.39 -6.97
CA PRO B 242 -27.93 4.54 -7.98
C PRO B 242 -28.90 4.15 -9.09
N GLU B 243 -28.36 3.99 -10.29
CA GLU B 243 -29.09 3.51 -11.44
C GLU B 243 -28.64 2.09 -11.75
N VAL B 244 -29.58 1.16 -11.80
CA VAL B 244 -29.29 -0.27 -11.92
C VAL B 244 -29.84 -0.77 -13.25
N TYR B 245 -28.99 -1.45 -14.01
CA TYR B 245 -29.37 -2.09 -15.27
C TYR B 245 -28.91 -3.54 -15.20
N ALA B 246 -29.86 -4.46 -15.10
CA ALA B 246 -29.58 -5.89 -15.04
C ALA B 246 -30.12 -6.59 -16.27
N PHE B 247 -29.37 -7.57 -16.77
CA PHE B 247 -29.73 -8.21 -18.03
C PHE B 247 -29.05 -9.57 -18.11
N ALA B 248 -29.43 -10.33 -19.13
CA ALA B 248 -28.85 -11.63 -19.43
C ALA B 248 -28.08 -11.58 -20.72
N THR B 249 -26.91 -12.18 -20.73
CA THR B 249 -26.14 -12.31 -21.97
C THR B 249 -26.90 -13.23 -22.93
N PRO B 250 -26.81 -12.99 -24.25
CA PRO B 250 -27.45 -13.91 -25.18
C PRO B 250 -26.64 -15.18 -25.46
N GLU B 251 -27.36 -16.21 -25.89
CA GLU B 251 -26.91 -17.58 -25.74
C GLU B 251 -25.72 -17.87 -26.66
N TRP B 252 -24.62 -18.32 -26.07
CA TRP B 252 -23.46 -18.72 -26.85
C TRP B 252 -23.69 -20.08 -27.50
N PRO B 253 -23.26 -20.28 -28.74
CA PRO B 253 -23.41 -21.60 -29.37
C PRO B 253 -22.40 -22.63 -28.92
N GLY B 254 -21.38 -22.24 -28.15
CA GLY B 254 -20.36 -23.17 -27.71
C GLY B 254 -20.86 -24.18 -26.70
N SER B 255 -21.20 -23.72 -25.50
CA SER B 255 -21.71 -24.57 -24.42
C SER B 255 -23.11 -24.09 -24.06
N ARG B 256 -24.11 -24.92 -24.35
CA ARG B 256 -25.51 -24.55 -24.14
C ARG B 256 -26.00 -24.96 -22.76
N ASP B 257 -25.20 -24.70 -21.73
CA ASP B 257 -25.58 -25.09 -20.37
C ASP B 257 -25.67 -23.89 -19.43
N LYS B 258 -24.68 -23.02 -19.44
CA LYS B 258 -24.58 -21.92 -18.49
C LYS B 258 -24.81 -20.59 -19.18
N ARG B 259 -25.56 -19.71 -18.51
CA ARG B 259 -25.72 -18.34 -18.94
C ARG B 259 -25.15 -17.39 -17.89
N THR B 260 -24.87 -16.16 -18.33
CA THR B 260 -24.27 -15.14 -17.50
C THR B 260 -25.22 -13.96 -17.36
N LEU B 261 -25.49 -13.55 -16.13
CA LEU B 261 -26.33 -12.40 -15.85
C LEU B 261 -25.44 -11.26 -15.36
N ALA B 262 -25.58 -10.10 -15.99
CA ALA B 262 -24.71 -8.97 -15.69
C ALA B 262 -25.54 -7.77 -15.25
N CYS B 263 -25.02 -7.07 -14.24
CA CYS B 263 -25.73 -5.94 -13.64
C CYS B 263 -24.76 -4.78 -13.47
N LEU B 264 -25.08 -3.66 -14.09
CA LEU B 264 -24.29 -2.43 -13.99
C LEU B 264 -25.03 -1.45 -13.08
N ILE B 265 -24.36 -1.00 -12.03
CA ILE B 265 -24.92 -0.01 -11.11
C ILE B 265 -24.03 1.22 -11.16
N GLN B 266 -24.58 2.33 -11.64
CA GLN B 266 -23.78 3.52 -11.90
C GLN B 266 -24.48 4.76 -11.35
N ASN B 267 -23.72 5.86 -11.30
CA ASN B 267 -24.22 7.17 -10.90
C ASN B 267 -24.71 7.18 -9.45
N PHE B 268 -23.90 6.69 -8.52
CA PHE B 268 -24.23 6.71 -7.10
C PHE B 268 -23.11 7.34 -6.30
N MET B 269 -23.49 8.10 -5.28
CA MET B 269 -22.57 8.75 -4.36
C MET B 269 -23.15 8.65 -2.96
N PRO B 270 -22.34 8.26 -1.95
CA PRO B 270 -20.90 7.99 -1.99
C PRO B 270 -20.53 6.65 -2.60
N GLU B 271 -19.30 6.20 -2.37
CA GLU B 271 -18.75 5.03 -3.06
C GLU B 271 -19.20 3.70 -2.46
N ASP B 272 -19.75 3.69 -1.25
CA ASP B 272 -20.18 2.43 -0.65
C ASP B 272 -21.51 1.97 -1.22
N ILE B 273 -21.65 0.65 -1.35
CA ILE B 273 -22.86 0.05 -1.91
C ILE B 273 -22.83 -1.44 -1.60
N SER B 274 -23.99 -2.07 -1.62
CA SER B 274 -24.06 -3.53 -1.52
C SER B 274 -24.81 -4.08 -2.73
N VAL B 275 -24.29 -5.16 -3.31
CA VAL B 275 -24.86 -5.78 -4.50
C VAL B 275 -25.26 -7.21 -4.16
N GLN B 276 -26.52 -7.55 -4.43
CA GLN B 276 -27.03 -8.88 -4.14
C GLN B 276 -27.84 -9.40 -5.33
N TRP B 277 -27.92 -10.72 -5.42
CA TRP B 277 -28.70 -11.41 -6.43
C TRP B 277 -29.76 -12.26 -5.74
N LEU B 278 -31.00 -12.17 -6.23
CA LEU B 278 -32.13 -12.87 -5.64
C LEU B 278 -32.76 -13.77 -6.69
N HIS B 279 -33.00 -15.03 -6.32
CA HIS B 279 -33.71 -15.99 -7.15
C HIS B 279 -35.00 -16.34 -6.43
N ASN B 280 -36.14 -16.17 -7.12
CA ASN B 280 -37.48 -16.35 -6.57
C ASN B 280 -37.61 -15.81 -5.15
N GLU B 281 -37.03 -14.63 -4.92
CA GLU B 281 -37.13 -13.89 -3.66
C GLU B 281 -36.46 -14.60 -2.49
N VAL B 282 -35.36 -15.30 -2.74
CA VAL B 282 -34.45 -15.75 -1.69
C VAL B 282 -33.03 -15.43 -2.12
N GLN B 283 -32.25 -14.86 -1.21
CA GLN B 283 -30.92 -14.36 -1.56
C GLN B 283 -29.97 -15.51 -1.88
N LEU B 284 -29.25 -15.37 -2.98
CA LEU B 284 -28.23 -16.34 -3.38
C LEU B 284 -26.97 -16.15 -2.53
N PRO B 285 -26.16 -17.21 -2.38
CA PRO B 285 -24.91 -17.07 -1.64
C PRO B 285 -23.97 -16.07 -2.30
N ASP B 286 -23.17 -15.39 -1.49
CA ASP B 286 -22.27 -14.37 -1.98
C ASP B 286 -21.19 -14.95 -2.90
N ALA B 287 -20.91 -16.25 -2.80
CA ALA B 287 -19.91 -16.87 -3.65
C ALA B 287 -20.41 -17.14 -5.07
N ARG B 288 -21.73 -17.03 -5.30
CA ARG B 288 -22.28 -17.29 -6.62
C ARG B 288 -22.06 -16.14 -7.59
N HIS B 289 -21.74 -14.95 -7.10
CA HIS B 289 -21.58 -13.77 -7.95
C HIS B 289 -20.30 -13.04 -7.59
N SER B 290 -19.76 -12.32 -8.57
CA SER B 290 -18.55 -11.52 -8.41
C SER B 290 -18.86 -10.07 -8.70
N THR B 291 -18.48 -9.18 -7.78
CA THR B 291 -18.73 -7.76 -7.90
C THR B 291 -17.40 -7.01 -7.88
N THR B 292 -17.21 -6.12 -8.84
CA THR B 292 -15.98 -5.34 -8.92
C THR B 292 -15.98 -4.20 -7.91
N GLN B 293 -14.79 -3.70 -7.62
CA GLN B 293 -14.66 -2.58 -6.70
C GLN B 293 -15.19 -1.30 -7.34
N PRO B 294 -15.71 -0.38 -6.54
CA PRO B 294 -16.21 0.89 -7.09
C PRO B 294 -15.11 1.67 -7.79
N ARG B 295 -15.47 2.27 -8.93
CA ARG B 295 -14.56 3.10 -9.71
C ARG B 295 -15.29 4.34 -10.17
N LYS B 296 -14.54 5.45 -10.26
CA LYS B 296 -15.12 6.72 -10.67
C LYS B 296 -15.44 6.73 -12.15
N THR B 297 -16.55 7.36 -12.51
CA THR B 297 -16.93 7.52 -13.90
C THR B 297 -16.27 8.77 -14.47
N LYS B 298 -16.61 9.08 -15.74
CA LYS B 298 -16.09 10.29 -16.36
C LYS B 298 -16.59 11.53 -15.63
N GLY B 299 -17.87 11.55 -15.25
CA GLY B 299 -18.44 12.63 -14.48
C GLY B 299 -18.49 12.30 -13.00
N SER B 300 -19.41 12.96 -12.31
CA SER B 300 -19.60 12.74 -10.88
C SER B 300 -20.40 11.45 -10.66
N GLY B 301 -19.84 10.53 -9.91
CA GLY B 301 -20.48 9.26 -9.61
C GLY B 301 -19.51 8.10 -9.78
N PHE B 302 -19.97 6.92 -9.37
CA PHE B 302 -19.20 5.68 -9.46
C PHE B 302 -19.93 4.69 -10.36
N PHE B 303 -19.33 3.51 -10.51
CA PHE B 303 -19.96 2.44 -11.28
C PHE B 303 -19.36 1.10 -10.86
N VAL B 304 -20.21 0.08 -10.81
CA VAL B 304 -19.81 -1.27 -10.42
C VAL B 304 -20.48 -2.28 -11.35
N PHE B 305 -19.75 -3.35 -11.67
CA PHE B 305 -20.23 -4.44 -12.47
C PHE B 305 -20.37 -5.69 -11.59
N SER B 306 -21.50 -6.37 -11.72
CA SER B 306 -21.76 -7.62 -11.01
C SER B 306 -22.07 -8.72 -12.01
N ARG B 307 -21.41 -9.86 -11.87
CA ARG B 307 -21.55 -10.98 -12.79
C ARG B 307 -21.98 -12.22 -12.02
N LEU B 308 -22.99 -12.92 -12.53
CA LEU B 308 -23.49 -14.13 -11.91
C LEU B 308 -23.65 -15.21 -12.98
N GLU B 309 -23.42 -16.46 -12.58
CA GLU B 309 -23.53 -17.60 -13.48
C GLU B 309 -24.73 -18.44 -13.09
N VAL B 310 -25.58 -18.75 -14.07
CA VAL B 310 -26.78 -19.55 -13.82
C VAL B 310 -26.74 -20.78 -14.73
N THR B 311 -27.31 -21.87 -14.23
CA THR B 311 -27.36 -23.13 -14.96
C THR B 311 -28.61 -23.18 -15.84
N ARG B 312 -28.61 -24.14 -16.77
CA ARG B 312 -29.74 -24.31 -17.67
C ARG B 312 -30.99 -24.75 -16.92
N ALA B 313 -30.83 -25.64 -15.93
CA ALA B 313 -31.98 -26.10 -15.17
C ALA B 313 -32.66 -24.96 -14.42
N GLU B 314 -31.85 -24.09 -13.80
CA GLU B 314 -32.40 -22.91 -13.14
C GLU B 314 -33.02 -21.96 -14.16
N TRP B 315 -32.36 -21.78 -15.31
CA TRP B 315 -32.83 -20.80 -16.28
C TRP B 315 -34.08 -21.27 -17.00
N GLU B 316 -34.11 -22.54 -17.42
CA GLU B 316 -35.24 -23.05 -18.20
C GLU B 316 -36.53 -23.11 -17.41
N GLN B 317 -36.48 -22.94 -16.09
CA GLN B 317 -37.69 -22.82 -15.28
C GLN B 317 -38.39 -21.48 -15.48
N LYS B 318 -37.79 -20.56 -16.24
CA LYS B 318 -38.35 -19.24 -16.54
C LYS B 318 -38.48 -18.37 -15.29
N ASP B 319 -37.65 -18.59 -14.29
CA ASP B 319 -37.67 -17.76 -13.09
C ASP B 319 -37.06 -16.39 -13.38
N GLU B 320 -37.41 -15.43 -12.53
CA GLU B 320 -36.94 -14.06 -12.63
C GLU B 320 -35.78 -13.86 -11.67
N PHE B 321 -34.69 -13.27 -12.16
CA PHE B 321 -33.50 -13.01 -11.36
C PHE B 321 -33.41 -11.53 -11.03
N ILE B 322 -33.37 -11.20 -9.74
CA ILE B 322 -33.40 -9.83 -9.27
C ILE B 322 -31.98 -9.40 -8.93
N CYS B 323 -31.53 -8.30 -9.52
CA CYS B 323 -30.30 -7.64 -9.11
C CYS B 323 -30.67 -6.47 -8.22
N ARG B 324 -30.17 -6.47 -6.98
CA ARG B 324 -30.52 -5.48 -5.98
C ARG B 324 -29.28 -4.74 -5.52
N ALA B 325 -29.38 -3.41 -5.47
CA ALA B 325 -28.31 -2.55 -4.98
C ALA B 325 -28.84 -1.79 -3.78
N VAL B 326 -28.15 -1.92 -2.65
CA VAL B 326 -28.48 -1.21 -1.42
C VAL B 326 -27.51 -0.04 -1.28
N HIS B 327 -28.07 1.16 -1.19
CA HIS B 327 -27.30 2.39 -1.07
C HIS B 327 -28.08 3.36 -0.20
N GLU B 328 -27.34 4.28 0.43
CA GLU B 328 -27.97 5.18 1.39
C GLU B 328 -28.89 6.21 0.71
N ALA B 329 -28.62 6.54 -0.54
CA ALA B 329 -29.35 7.61 -1.23
C ALA B 329 -30.57 7.11 -2.00
N ALA B 330 -30.87 5.81 -1.96
CA ALA B 330 -32.00 5.24 -2.69
C ALA B 330 -33.28 5.33 -1.86
N SER B 331 -33.62 6.56 -1.47
CA SER B 331 -34.78 6.78 -0.61
C SER B 331 -36.05 6.31 -1.29
N PRO B 332 -37.01 5.77 -0.53
CA PRO B 332 -37.02 5.59 0.94
C PRO B 332 -36.53 4.23 1.41
N SER B 333 -36.60 3.18 0.58
CA SER B 333 -36.24 1.85 1.01
C SER B 333 -34.74 1.58 0.96
N GLN B 334 -33.95 2.51 0.42
CA GLN B 334 -32.50 2.38 0.29
C GLN B 334 -32.09 1.17 -0.55
N THR B 335 -33.02 0.61 -1.32
CA THR B 335 -32.74 -0.52 -2.20
C THR B 335 -33.38 -0.25 -3.56
N VAL B 336 -32.61 -0.48 -4.62
CA VAL B 336 -33.12 -0.38 -5.99
C VAL B 336 -32.78 -1.68 -6.71
N GLN B 337 -33.78 -2.29 -7.33
CA GLN B 337 -33.60 -3.61 -7.93
C GLN B 337 -34.23 -3.66 -9.31
N ARG B 338 -33.68 -4.53 -10.15
CA ARG B 338 -34.18 -4.75 -11.50
C ARG B 338 -34.24 -6.25 -11.77
N ALA B 339 -34.92 -6.61 -12.86
CA ALA B 339 -35.28 -7.99 -13.14
C ALA B 339 -34.62 -8.47 -14.43
N VAL B 340 -34.33 -9.77 -14.47
CA VAL B 340 -33.74 -10.44 -15.61
C VAL B 340 -34.54 -11.70 -15.90
N SER B 341 -34.86 -11.91 -17.17
CA SER B 341 -35.57 -13.10 -17.63
C SER B 341 -35.29 -13.28 -19.11
N VAL B 342 -35.57 -14.49 -19.59
CA VAL B 342 -35.37 -14.81 -21.00
C VAL B 342 -36.56 -14.29 -21.80
N ASN B 343 -36.28 -13.82 -23.01
CA ASN B 343 -37.27 -13.24 -23.95
C ASN B 343 -38.32 -12.37 -23.25
N PRO C 29 1.57 34.20 -11.95
CA PRO C 29 2.31 33.44 -10.94
C PRO C 29 2.04 33.92 -9.51
N PRO C 30 0.91 33.51 -8.93
CA PRO C 30 0.58 33.93 -7.57
C PRO C 30 1.20 33.03 -6.52
N THR C 31 0.92 33.32 -5.25
CA THR C 31 1.42 32.51 -4.15
C THR C 31 0.37 31.45 -3.80
N VAL C 32 0.78 30.18 -3.85
CA VAL C 32 -0.11 29.05 -3.60
C VAL C 32 0.42 28.29 -2.40
N LYS C 33 -0.44 28.12 -1.39
CA LYS C 33 -0.08 27.41 -0.17
C LYS C 33 -1.19 26.41 0.16
N ILE C 34 -0.87 25.44 1.01
CA ILE C 34 -1.83 24.47 1.49
C ILE C 34 -1.73 24.38 3.01
N LEU C 35 -2.87 24.42 3.69
CA LEU C 35 -2.93 24.35 5.14
C LEU C 35 -3.74 23.13 5.54
N GLN C 36 -3.22 22.39 6.52
CA GLN C 36 -3.83 21.15 6.98
C GLN C 36 -4.34 21.29 8.40
N SER C 37 -5.53 20.75 8.66
CA SER C 37 -6.09 20.74 10.01
C SER C 37 -5.19 19.92 10.94
N SER C 38 -4.57 20.59 11.91
CA SER C 38 -3.63 19.91 12.79
C SER C 38 -4.36 19.03 13.80
N CYS C 39 -3.59 18.17 14.45
CA CYS C 39 -4.15 17.27 15.46
C CYS C 39 -4.59 18.04 16.69
N ASP C 40 -5.58 17.49 17.39
CA ASP C 40 -6.10 18.08 18.61
C ASP C 40 -5.79 17.18 19.80
N GLY C 41 -5.72 17.78 20.99
CA GLY C 41 -5.41 17.01 22.18
C GLY C 41 -3.96 16.57 22.17
N GLY C 42 -3.74 15.30 22.51
CA GLY C 42 -2.40 14.74 22.54
C GLY C 42 -1.93 14.23 21.19
N GLY C 43 -2.25 14.95 20.12
CA GLY C 43 -1.84 14.55 18.80
C GLY C 43 -2.78 13.56 18.14
N HIS C 44 -4.07 13.87 18.16
CA HIS C 44 -5.09 12.99 17.57
C HIS C 44 -5.66 13.66 16.32
N PHE C 45 -5.65 12.92 15.21
CA PHE C 45 -6.19 13.44 13.97
C PHE C 45 -7.70 13.63 14.11
N PRO C 46 -8.25 14.75 13.63
CA PRO C 46 -9.71 14.90 13.66
C PRO C 46 -10.36 13.89 12.74
N PRO C 47 -11.59 13.46 13.05
CA PRO C 47 -12.25 12.47 12.19
C PRO C 47 -12.41 12.92 10.75
N THR C 48 -12.64 14.20 10.52
CA THR C 48 -12.69 14.77 9.18
C THR C 48 -11.60 15.83 9.06
N ILE C 49 -10.76 15.70 8.03
CA ILE C 49 -9.62 16.59 7.83
C ILE C 49 -9.92 17.50 6.66
N GLN C 50 -9.78 18.81 6.88
CA GLN C 50 -10.10 19.82 5.88
C GLN C 50 -8.82 20.48 5.40
N LEU C 51 -8.39 20.12 4.19
CA LEU C 51 -7.26 20.78 3.55
C LEU C 51 -7.74 22.05 2.87
N LEU C 52 -6.99 23.13 3.08
CA LEU C 52 -7.35 24.46 2.56
C LEU C 52 -6.25 24.93 1.63
N CYS C 53 -6.55 24.99 0.33
CA CYS C 53 -5.60 25.47 -0.66
C CYS C 53 -5.85 26.95 -0.92
N LEU C 54 -4.87 27.79 -0.62
CA LEU C 54 -4.98 29.23 -0.76
C LEU C 54 -4.16 29.70 -1.94
N VAL C 55 -4.79 30.44 -2.84
CA VAL C 55 -4.12 31.06 -3.98
C VAL C 55 -4.33 32.56 -3.84
N SER C 56 -3.25 33.30 -3.61
CA SER C 56 -3.34 34.72 -3.30
C SER C 56 -2.37 35.52 -4.17
N GLY C 57 -2.77 36.75 -4.48
CA GLY C 57 -1.92 37.67 -5.22
C GLY C 57 -1.85 37.41 -6.71
N TYR C 58 -2.99 37.55 -7.40
CA TYR C 58 -3.04 37.31 -8.83
C TYR C 58 -4.02 38.29 -9.46
N THR C 59 -3.91 38.44 -10.78
CA THR C 59 -4.89 39.18 -11.55
C THR C 59 -5.96 38.20 -12.02
N PRO C 60 -7.21 38.34 -11.58
CA PRO C 60 -8.21 37.31 -11.89
C PRO C 60 -8.72 37.39 -13.32
N GLY C 61 -8.25 36.47 -14.17
CA GLY C 61 -8.78 36.34 -15.51
C GLY C 61 -9.33 34.94 -15.76
N THR C 62 -8.77 33.96 -15.08
CA THR C 62 -9.20 32.57 -15.21
C THR C 62 -8.66 31.80 -14.01
N ILE C 63 -9.55 31.16 -13.26
CA ILE C 63 -9.19 30.47 -12.03
C ILE C 63 -9.63 29.01 -12.14
N GLN C 64 -8.69 28.10 -11.95
CA GLN C 64 -8.99 26.66 -12.06
C GLN C 64 -8.07 25.89 -11.13
N ILE C 65 -8.67 25.18 -10.18
CA ILE C 65 -7.94 24.37 -9.20
C ILE C 65 -8.36 22.92 -9.37
N THR C 66 -7.38 22.03 -9.45
CA THR C 66 -7.59 20.59 -9.46
C THR C 66 -6.98 19.99 -8.20
N TRP C 67 -7.54 18.85 -7.77
CA TRP C 67 -7.30 18.25 -6.47
C TRP C 67 -6.82 16.81 -6.63
N LEU C 68 -5.78 16.61 -7.44
CA LEU C 68 -5.35 15.27 -7.82
C LEU C 68 -5.01 14.43 -6.59
N GLU C 69 -5.47 13.19 -6.58
CA GLU C 69 -5.12 12.22 -5.54
C GLU C 69 -4.07 11.28 -6.12
N ASP C 70 -2.81 11.57 -5.83
CA ASP C 70 -1.67 10.80 -6.34
C ASP C 70 -1.72 10.70 -7.86
N GLY C 71 -2.03 11.82 -8.52
CA GLY C 71 -2.09 11.88 -9.96
C GLY C 71 -3.44 11.58 -10.56
N GLN C 72 -4.43 11.20 -9.75
CA GLN C 72 -5.75 10.88 -10.27
C GLN C 72 -6.57 12.16 -10.44
N VAL C 73 -7.87 12.03 -10.68
CA VAL C 73 -8.76 13.16 -10.90
C VAL C 73 -9.81 13.18 -9.80
N MET C 74 -10.08 14.37 -9.27
CA MET C 74 -11.05 14.56 -8.20
C MET C 74 -12.15 15.52 -8.66
N ASP C 75 -13.33 15.36 -8.08
CA ASP C 75 -14.44 16.24 -8.36
C ASP C 75 -14.17 17.63 -7.77
N VAL C 76 -15.12 18.55 -7.99
CA VAL C 76 -14.95 19.92 -7.52
C VAL C 76 -14.98 19.95 -5.99
N ASP C 77 -13.94 20.54 -5.41
CA ASP C 77 -13.74 20.69 -3.95
C ASP C 77 -14.43 19.63 -3.09
N ALA C 90 -6.43 38.90 -6.06
CA ALA C 90 -7.30 38.52 -4.96
C ALA C 90 -6.84 37.22 -4.32
N SER C 91 -7.75 36.57 -3.59
CA SER C 91 -7.45 35.30 -2.91
C SER C 91 -8.61 34.34 -3.10
N THR C 92 -8.26 33.08 -3.33
CA THR C 92 -9.23 32.00 -3.48
C THR C 92 -8.86 30.85 -2.57
N GLN C 93 -9.87 30.25 -1.93
CA GLN C 93 -9.69 29.14 -1.01
C GLN C 93 -10.46 27.93 -1.53
N SER C 94 -9.78 26.79 -1.58
CA SER C 94 -10.38 25.52 -1.99
C SER C 94 -10.37 24.57 -0.81
N GLU C 95 -11.51 23.95 -0.54
CA GLU C 95 -11.69 23.06 0.61
C GLU C 95 -11.75 21.62 0.15
N LEU C 96 -10.97 20.76 0.80
CA LEU C 96 -11.00 19.32 0.55
C LEU C 96 -11.28 18.60 1.86
N THR C 97 -12.36 17.82 1.89
CA THR C 97 -12.74 17.06 3.07
C THR C 97 -12.31 15.61 2.89
N LEU C 98 -11.56 15.08 3.86
CA LEU C 98 -11.03 13.73 3.78
C LEU C 98 -11.33 12.98 5.07
N SER C 99 -11.52 11.67 4.93
CA SER C 99 -11.76 10.81 6.07
C SER C 99 -10.44 10.39 6.72
N GLN C 100 -10.56 9.72 7.86
CA GLN C 100 -9.37 9.25 8.57
C GLN C 100 -8.59 8.23 7.75
N LYS C 101 -9.28 7.29 7.12
CA LYS C 101 -8.60 6.22 6.39
C LYS C 101 -7.83 6.78 5.19
N HIS C 102 -8.44 7.69 4.44
CA HIS C 102 -7.79 8.23 3.25
C HIS C 102 -6.53 9.01 3.61
N TRP C 103 -6.60 9.82 4.65
CA TRP C 103 -5.42 10.58 5.07
C TRP C 103 -4.35 9.67 5.64
N LEU C 104 -4.75 8.68 6.44
CA LEU C 104 -3.79 7.78 7.06
C LEU C 104 -3.24 6.73 6.10
N SER C 105 -3.78 6.62 4.89
CA SER C 105 -3.29 5.69 3.90
C SER C 105 -2.01 6.15 3.22
N ASP C 106 -1.46 7.30 3.63
CA ASP C 106 -0.21 7.83 3.09
C ASP C 106 -0.32 8.06 1.58
N ARG C 107 -1.26 8.95 1.22
CA ARG C 107 -1.48 9.33 -0.16
C ARG C 107 -1.15 10.81 -0.34
N THR C 108 -0.50 11.14 -1.45
CA THR C 108 -0.12 12.51 -1.75
C THR C 108 -1.21 13.19 -2.56
N TYR C 109 -1.64 14.36 -2.11
CA TYR C 109 -2.65 15.16 -2.77
C TYR C 109 -2.00 16.39 -3.38
N THR C 110 -2.27 16.62 -4.67
CA THR C 110 -1.69 17.71 -5.42
C THR C 110 -2.77 18.74 -5.74
N CYS C 111 -2.62 19.93 -5.15
CA CYS C 111 -3.46 21.08 -5.49
C CYS C 111 -2.77 21.82 -6.63
N GLN C 112 -3.38 21.79 -7.81
CA GLN C 112 -2.78 22.37 -9.01
C GLN C 112 -3.65 23.52 -9.50
N VAL C 113 -3.04 24.68 -9.70
CA VAL C 113 -3.70 25.87 -10.19
C VAL C 113 -3.24 26.14 -11.61
N THR C 114 -4.21 26.37 -12.50
CA THR C 114 -3.93 26.71 -13.89
C THR C 114 -4.12 28.21 -14.07
N TYR C 115 -3.08 28.89 -14.56
CA TYR C 115 -3.07 30.34 -14.70
C TYR C 115 -2.57 30.74 -16.07
N GLN C 116 -3.13 30.11 -17.11
CA GLN C 116 -2.80 30.39 -18.51
C GLN C 116 -1.33 30.13 -18.81
N GLY C 117 -0.44 30.90 -18.19
CA GLY C 117 0.98 30.76 -18.48
C GLY C 117 1.51 29.38 -18.15
N HIS C 118 1.15 28.86 -16.98
CA HIS C 118 1.60 27.54 -16.55
C HIS C 118 0.49 26.90 -15.71
N THR C 119 0.82 25.75 -15.12
CA THR C 119 -0.12 24.91 -14.37
C THR C 119 0.47 24.57 -13.00
N PHE C 120 0.85 25.60 -12.24
CA PHE C 120 1.60 25.42 -10.99
C PHE C 120 0.93 24.38 -10.09
N GLU C 121 1.73 23.73 -9.25
CA GLU C 121 1.23 22.69 -8.38
C GLU C 121 1.94 22.74 -7.03
N ASP C 122 1.20 22.36 -5.99
CA ASP C 122 1.77 22.11 -4.67
C ASP C 122 1.62 20.62 -4.35
N SER C 123 1.98 20.26 -3.12
CA SER C 123 1.85 18.89 -2.68
C SER C 123 1.56 18.87 -1.18
N THR C 124 0.79 17.86 -0.76
CA THR C 124 0.48 17.68 0.65
C THR C 124 0.34 16.20 0.93
N LYS C 125 0.77 15.77 2.11
CA LYS C 125 0.74 14.36 2.47
C LYS C 125 0.90 14.23 3.98
N LYS C 126 0.50 13.09 4.51
CA LYS C 126 0.88 12.73 5.87
C LYS C 126 2.40 12.62 5.91
N CYS C 127 3.03 13.28 6.88
CA CYS C 127 4.47 13.38 6.92
C CYS C 127 5.02 12.36 7.91
N ALA C 128 5.92 11.51 7.43
CA ALA C 128 6.55 10.46 8.23
C ALA C 128 7.93 10.95 8.63
N ASP C 129 8.35 10.56 9.84
CA ASP C 129 9.64 11.00 10.39
C ASP C 129 10.81 10.55 9.53
N SER C 130 10.86 9.27 9.19
CA SER C 130 11.98 8.69 8.46
C SER C 130 11.54 7.41 7.79
N ASN C 131 12.51 6.60 7.35
CA ASN C 131 12.31 5.30 6.72
C ASN C 131 11.49 5.41 5.45
N PRO C 132 12.02 6.01 4.38
CA PRO C 132 11.30 6.02 3.11
C PRO C 132 11.30 4.63 2.48
N ARG C 133 10.32 4.40 1.61
CA ARG C 133 10.19 3.10 0.95
C ARG C 133 11.39 2.84 0.05
N GLY C 134 11.82 1.58 0.01
CA GLY C 134 12.96 1.18 -0.78
C GLY C 134 12.65 1.05 -2.25
N VAL C 135 13.70 0.83 -3.03
CA VAL C 135 13.57 0.75 -4.48
C VAL C 135 12.74 -0.47 -4.86
N SER C 136 11.77 -0.27 -5.75
CA SER C 136 10.91 -1.32 -6.22
C SER C 136 11.02 -1.46 -7.73
N ALA C 137 10.98 -2.70 -8.21
CA ALA C 137 11.11 -3.01 -9.64
C ALA C 137 9.94 -3.84 -10.11
N TYR C 138 9.42 -3.49 -11.29
CA TYR C 138 8.30 -4.21 -11.89
C TYR C 138 8.59 -4.44 -13.37
N LEU C 139 8.04 -5.54 -13.89
CA LEU C 139 8.21 -5.93 -15.29
C LEU C 139 6.85 -6.23 -15.87
N SER C 140 6.57 -5.69 -17.06
CA SER C 140 5.25 -5.79 -17.68
C SER C 140 5.34 -6.57 -18.98
N ARG C 141 4.42 -7.51 -19.17
CA ARG C 141 4.34 -8.25 -20.41
C ARG C 141 3.78 -7.37 -21.52
N PRO C 142 4.14 -7.65 -22.78
CA PRO C 142 3.59 -6.86 -23.89
C PRO C 142 2.08 -7.02 -24.02
N SER C 143 1.43 -5.95 -24.45
CA SER C 143 0.00 -5.98 -24.65
C SER C 143 -0.33 -6.80 -25.91
N PRO C 144 -1.44 -7.53 -25.92
CA PRO C 144 -1.82 -8.26 -27.15
C PRO C 144 -2.05 -7.36 -28.34
N PHE C 145 -2.50 -6.12 -28.12
CA PHE C 145 -2.69 -5.19 -29.24
C PHE C 145 -1.38 -4.89 -29.94
N ASP C 146 -0.31 -4.68 -29.18
CA ASP C 146 1.01 -4.45 -29.76
C ASP C 146 1.70 -5.74 -30.17
N LEU C 147 1.17 -6.89 -29.78
CA LEU C 147 1.77 -8.18 -30.09
C LEU C 147 1.20 -8.82 -31.35
N PHE C 148 -0.08 -8.59 -31.66
CA PHE C 148 -0.72 -9.25 -32.79
C PHE C 148 -1.27 -8.28 -33.83
N ILE C 149 -1.58 -7.04 -33.47
CA ILE C 149 -2.16 -6.10 -34.41
C ILE C 149 -1.07 -5.22 -35.01
N ARG C 150 -0.39 -4.45 -34.15
CA ARG C 150 0.67 -3.56 -34.63
C ARG C 150 1.98 -4.29 -34.87
N LYS C 151 2.12 -5.52 -34.36
CA LYS C 151 3.31 -6.34 -34.57
C LYS C 151 4.59 -5.62 -34.15
N SER C 152 4.52 -4.95 -32.99
CA SER C 152 5.68 -4.28 -32.42
C SER C 152 5.64 -4.37 -30.90
N PRO C 153 5.90 -5.54 -30.33
CA PRO C 153 5.87 -5.66 -28.86
C PRO C 153 6.98 -4.84 -28.21
N THR C 154 6.69 -4.34 -27.01
CA THR C 154 7.64 -3.55 -26.25
C THR C 154 7.46 -3.88 -24.77
N ILE C 155 8.51 -4.40 -24.14
CA ILE C 155 8.47 -4.70 -22.71
C ILE C 155 8.98 -3.49 -21.94
N THR C 156 8.41 -3.28 -20.75
CA THR C 156 8.71 -2.12 -19.93
C THR C 156 9.18 -2.56 -18.55
N CYS C 157 10.35 -2.07 -18.15
CA CYS C 157 10.87 -2.25 -16.81
C CYS C 157 10.72 -0.94 -16.06
N LEU C 158 10.05 -0.99 -14.90
CA LEU C 158 9.75 0.20 -14.12
C LEU C 158 10.46 0.13 -12.78
N VAL C 159 11.21 1.18 -12.45
CA VAL C 159 11.89 1.32 -11.17
C VAL C 159 11.28 2.51 -10.45
N VAL C 160 10.66 2.26 -9.30
CA VAL C 160 9.94 3.27 -8.55
C VAL C 160 10.47 3.32 -7.13
N ASP C 161 10.04 4.35 -6.40
CA ASP C 161 10.47 4.61 -5.02
C ASP C 161 11.98 4.79 -4.94
N LEU C 162 12.52 5.57 -5.88
CA LEU C 162 13.95 5.88 -5.90
C LEU C 162 14.23 7.04 -4.95
N ALA C 163 15.46 7.56 -5.00
CA ALA C 163 15.87 8.69 -4.18
C ALA C 163 16.41 9.78 -5.09
N PRO C 164 16.02 11.04 -4.88
CA PRO C 164 16.55 12.12 -5.72
C PRO C 164 18.06 12.29 -5.62
N SER C 165 18.64 11.99 -4.46
CA SER C 165 20.07 12.15 -4.23
C SER C 165 20.78 10.82 -4.37
N LYS C 166 21.85 10.79 -5.16
CA LYS C 166 22.62 9.57 -5.40
C LYS C 166 21.72 8.45 -5.92
N GLY C 167 21.00 8.74 -6.99
CA GLY C 167 20.23 7.71 -7.65
C GLY C 167 20.61 7.56 -9.10
N THR C 168 21.30 6.47 -9.43
CA THR C 168 21.81 6.22 -10.78
C THR C 168 21.61 4.76 -11.15
N VAL C 169 20.42 4.22 -10.87
CA VAL C 169 20.16 2.81 -11.11
C VAL C 169 20.43 2.46 -12.57
N GLN C 170 21.21 1.42 -12.78
CA GLN C 170 21.55 0.93 -14.11
C GLN C 170 20.67 -0.25 -14.45
N LEU C 171 20.00 -0.18 -15.59
CA LEU C 171 19.08 -1.23 -16.03
C LEU C 171 19.71 -1.97 -17.21
N THR C 172 19.83 -3.29 -17.07
CA THR C 172 20.44 -4.15 -18.08
C THR C 172 19.40 -5.14 -18.56
N TRP C 173 19.32 -5.32 -19.88
CA TRP C 173 18.40 -6.24 -20.50
C TRP C 173 19.15 -7.48 -20.96
N SER C 174 18.66 -8.65 -20.58
CA SER C 174 19.29 -9.90 -20.95
C SER C 174 18.25 -10.89 -21.44
N ARG C 175 18.70 -11.89 -22.18
CA ARG C 175 17.85 -12.95 -22.70
C ARG C 175 18.30 -14.30 -22.16
N ALA C 176 17.34 -15.21 -21.99
CA ALA C 176 17.67 -16.55 -21.50
C ALA C 176 18.59 -17.29 -22.45
N SER C 177 18.36 -17.16 -23.75
CA SER C 177 19.19 -17.81 -24.75
C SER C 177 20.52 -17.10 -25.00
N GLY C 178 20.70 -15.90 -24.45
CA GLY C 178 21.92 -15.16 -24.62
C GLY C 178 22.05 -14.40 -25.93
N LYS C 179 21.02 -14.40 -26.77
CA LYS C 179 21.07 -13.69 -28.03
C LYS C 179 21.09 -12.18 -27.80
N PRO C 180 21.69 -11.43 -28.72
CA PRO C 180 21.74 -9.96 -28.55
C PRO C 180 20.35 -9.34 -28.51
N VAL C 181 20.22 -8.28 -27.74
CA VAL C 181 18.95 -7.59 -27.57
C VAL C 181 18.98 -6.29 -28.37
N ASN C 182 17.81 -5.71 -28.56
CA ASN C 182 17.67 -4.45 -29.28
C ASN C 182 17.94 -3.27 -28.34
N HIS C 183 18.13 -2.10 -28.95
CA HIS C 183 18.36 -0.88 -28.17
C HIS C 183 17.12 -0.53 -27.36
N SER C 184 17.33 -0.12 -26.11
CA SER C 184 16.25 0.23 -25.21
C SER C 184 16.27 1.73 -24.91
N THR C 185 15.08 2.28 -24.70
CA THR C 185 14.91 3.70 -24.38
C THR C 185 14.67 3.83 -22.88
N ARG C 186 15.51 4.61 -22.22
CA ARG C 186 15.45 4.81 -20.78
C ARG C 186 15.09 6.27 -20.50
N LYS C 187 14.09 6.48 -19.65
CA LYS C 187 13.66 7.81 -19.28
C LYS C 187 13.53 7.92 -17.76
N GLU C 188 13.76 9.13 -17.26
CA GLU C 188 13.69 9.43 -15.83
C GLU C 188 12.65 10.51 -15.60
N GLU C 189 11.80 10.30 -14.60
CA GLU C 189 10.72 11.23 -14.27
C GLU C 189 10.74 11.56 -12.79
N LYS C 190 10.41 12.81 -12.48
CA LYS C 190 10.30 13.30 -11.11
C LYS C 190 8.83 13.28 -10.72
N GLN C 191 8.50 12.50 -9.68
CA GLN C 191 7.12 12.34 -9.26
C GLN C 191 6.72 13.48 -8.32
N ARG C 192 5.46 13.45 -7.88
CA ARG C 192 4.94 14.51 -7.03
C ARG C 192 5.49 14.42 -5.61
N ASN C 193 5.74 13.21 -5.12
CA ASN C 193 6.22 13.01 -3.77
C ASN C 193 7.73 13.16 -3.63
N GLY C 194 8.43 13.43 -4.73
CA GLY C 194 9.87 13.65 -4.71
C GLY C 194 10.70 12.47 -5.17
N THR C 195 10.12 11.28 -5.22
CA THR C 195 10.85 10.11 -5.67
C THR C 195 11.02 10.11 -7.18
N LEU C 196 11.98 9.32 -7.65
CA LEU C 196 12.28 9.20 -9.07
C LEU C 196 11.63 7.93 -9.65
N THR C 197 11.37 7.99 -10.95
CA THR C 197 10.84 6.83 -11.66
C THR C 197 11.65 6.62 -12.93
N VAL C 198 12.16 5.41 -13.10
CA VAL C 198 12.97 5.05 -14.25
C VAL C 198 12.18 4.07 -15.10
N THR C 199 11.93 4.43 -16.36
CA THR C 199 11.17 3.60 -17.28
C THR C 199 12.08 3.18 -18.43
N SER C 200 12.22 1.86 -18.64
CA SER C 200 13.04 1.33 -19.71
C SER C 200 12.15 0.50 -20.63
N THR C 201 12.00 0.94 -21.87
CA THR C 201 11.19 0.27 -22.88
C THR C 201 12.10 -0.36 -23.92
N LEU C 202 11.93 -1.66 -24.16
CA LEU C 202 12.73 -2.37 -25.15
C LEU C 202 11.81 -3.12 -26.10
N PRO C 203 11.92 -2.92 -27.40
CA PRO C 203 11.11 -3.68 -28.35
C PRO C 203 11.54 -5.14 -28.40
N VAL C 204 10.57 -6.02 -28.60
CA VAL C 204 10.77 -7.46 -28.62
C VAL C 204 10.30 -7.99 -29.96
N GLY C 205 11.13 -8.82 -30.60
CA GLY C 205 10.73 -9.48 -31.82
C GLY C 205 9.52 -10.36 -31.61
N THR C 206 8.53 -10.25 -32.50
CA THR C 206 7.30 -11.02 -32.33
C THR C 206 7.56 -12.52 -32.39
N ARG C 207 8.41 -12.95 -33.32
CA ARG C 207 8.74 -14.37 -33.42
C ARG C 207 9.44 -14.88 -32.16
N ASP C 208 10.36 -14.08 -31.62
CA ASP C 208 11.07 -14.49 -30.41
C ASP C 208 10.12 -14.62 -29.22
N TRP C 209 9.19 -13.68 -29.07
CA TRP C 209 8.27 -13.72 -27.95
C TRP C 209 7.25 -14.85 -28.11
N ILE C 210 6.81 -15.11 -29.35
CA ILE C 210 5.82 -16.16 -29.58
C ILE C 210 6.39 -17.52 -29.25
N GLU C 211 7.66 -17.75 -29.58
CA GLU C 211 8.29 -19.04 -29.31
C GLU C 211 8.41 -19.30 -27.81
N GLY C 212 8.58 -18.27 -27.01
CA GLY C 212 8.66 -18.44 -25.57
C GLY C 212 9.96 -17.96 -24.96
N GLU C 213 10.61 -17.00 -25.60
CA GLU C 213 11.86 -16.47 -25.07
C GLU C 213 11.61 -15.69 -23.78
N THR C 214 12.50 -15.88 -22.80
CA THR C 214 12.39 -15.24 -21.50
C THR C 214 13.34 -14.05 -21.44
N TYR C 215 12.81 -12.88 -21.11
CA TYR C 215 13.59 -11.67 -20.98
C TYR C 215 13.80 -11.33 -19.51
N GLN C 216 14.92 -10.67 -19.22
CA GLN C 216 15.28 -10.38 -17.85
C GLN C 216 15.77 -8.94 -17.73
N CYS C 217 15.32 -8.27 -16.67
CA CYS C 217 15.69 -6.90 -16.35
C CYS C 217 16.49 -6.91 -15.05
N ARG C 218 17.69 -6.34 -15.10
CA ARG C 218 18.59 -6.24 -13.95
C ARG C 218 18.69 -4.78 -13.54
N VAL C 219 18.40 -4.49 -12.29
CA VAL C 219 18.51 -3.14 -11.73
C VAL C 219 19.65 -3.15 -10.73
N THR C 220 20.65 -2.31 -10.96
CA THR C 220 21.83 -2.22 -10.11
C THR C 220 21.93 -0.82 -9.50
N HIS C 221 22.13 -0.76 -8.18
CA HIS C 221 22.32 0.47 -7.45
C HIS C 221 23.51 0.34 -6.52
N PRO C 222 24.32 1.39 -6.37
CA PRO C 222 25.51 1.29 -5.51
C PRO C 222 25.19 0.96 -4.06
N HIS C 223 24.10 1.51 -3.51
CA HIS C 223 23.74 1.21 -2.13
C HIS C 223 23.09 -0.16 -1.98
N LEU C 224 22.38 -0.63 -3.00
CA LEU C 224 21.69 -1.91 -2.88
C LEU C 224 22.70 -3.04 -2.77
N PRO C 225 22.50 -3.97 -1.83
CA PRO C 225 23.43 -5.10 -1.68
C PRO C 225 23.38 -6.04 -2.88
N ARG C 226 22.17 -6.44 -3.25
CA ARG C 226 21.93 -7.30 -4.40
C ARG C 226 21.38 -6.48 -5.56
N ALA C 227 21.26 -7.14 -6.71
CA ALA C 227 20.70 -6.52 -7.91
C ALA C 227 19.27 -7.02 -8.10
N LEU C 228 18.36 -6.08 -8.33
CA LEU C 228 16.95 -6.42 -8.52
C LEU C 228 16.79 -7.20 -9.82
N MET C 229 16.32 -8.44 -9.71
CA MET C 229 16.13 -9.32 -10.85
C MET C 229 14.64 -9.42 -11.17
N ARG C 230 14.28 -9.18 -12.42
CA ARG C 230 12.91 -9.36 -12.88
C ARG C 230 12.92 -10.18 -14.16
N SER C 231 11.94 -11.06 -14.30
CA SER C 231 11.85 -11.94 -15.44
C SER C 231 10.45 -11.90 -16.04
N THR C 232 10.39 -11.89 -17.36
CA THR C 232 9.13 -11.93 -18.09
C THR C 232 9.19 -13.02 -19.14
N THR C 233 8.19 -13.89 -19.14
CA THR C 233 8.06 -14.96 -20.12
C THR C 233 6.62 -15.01 -20.62
N LYS C 234 6.33 -15.99 -21.47
CA LYS C 234 4.97 -16.16 -21.96
C LYS C 234 4.11 -16.83 -20.89
N THR C 235 2.80 -16.82 -21.11
CA THR C 235 1.84 -17.42 -20.19
C THR C 235 1.45 -18.80 -20.74
N SER C 236 2.25 -19.81 -20.38
CA SER C 236 2.00 -21.16 -20.85
C SER C 236 0.78 -21.75 -20.15
N GLY C 237 0.12 -22.67 -20.85
CA GLY C 237 -1.04 -23.34 -20.32
C GLY C 237 -2.15 -23.49 -21.33
N PRO C 238 -3.37 -23.74 -20.87
CA PRO C 238 -4.51 -23.89 -21.78
C PRO C 238 -4.85 -22.57 -22.46
N ARG C 239 -5.45 -22.68 -23.64
CA ARG C 239 -5.85 -21.52 -24.42
C ARG C 239 -7.31 -21.67 -24.83
N ALA C 240 -8.08 -20.61 -24.65
CA ALA C 240 -9.49 -20.60 -25.02
C ALA C 240 -9.83 -19.28 -25.68
N ALA C 241 -10.61 -19.34 -26.75
CA ALA C 241 -11.01 -18.13 -27.46
C ALA C 241 -11.95 -17.30 -26.58
N PRO C 242 -11.72 -15.99 -26.49
CA PRO C 242 -12.62 -15.15 -25.67
C PRO C 242 -14.01 -15.07 -26.25
N GLU C 243 -14.99 -14.92 -25.37
CA GLU C 243 -16.39 -14.72 -25.74
C GLU C 243 -16.77 -13.29 -25.41
N VAL C 244 -17.15 -12.53 -26.42
CA VAL C 244 -17.37 -11.09 -26.30
C VAL C 244 -18.86 -10.81 -26.47
N TYR C 245 -19.42 -10.02 -25.55
CA TYR C 245 -20.82 -9.61 -25.62
C TYR C 245 -20.88 -8.11 -25.39
N ALA C 246 -21.21 -7.36 -26.45
CA ALA C 246 -21.42 -5.93 -26.35
C ALA C 246 -22.91 -5.64 -26.19
N PHE C 247 -23.23 -4.58 -25.45
CA PHE C 247 -24.63 -4.28 -25.16
C PHE C 247 -24.77 -2.82 -24.77
N ALA C 248 -26.01 -2.34 -24.89
CA ALA C 248 -26.38 -1.00 -24.49
C ALA C 248 -27.41 -1.09 -23.38
N THR C 249 -27.10 -0.52 -22.23
CA THR C 249 -28.09 -0.41 -21.17
C THR C 249 -29.21 0.53 -21.62
N PRO C 250 -30.42 0.38 -21.08
CA PRO C 250 -31.51 1.26 -21.49
C PRO C 250 -31.50 2.65 -20.86
N GLU C 251 -32.14 3.58 -21.55
CA GLU C 251 -31.99 4.99 -21.21
C GLU C 251 -32.73 5.32 -19.92
N TRP C 252 -32.00 5.84 -18.95
CA TRP C 252 -32.62 6.36 -17.75
C TRP C 252 -33.37 7.66 -18.07
N PRO C 253 -34.62 7.81 -17.61
CA PRO C 253 -35.38 9.02 -17.94
C PRO C 253 -34.77 10.30 -17.40
N GLY C 254 -33.90 10.22 -16.40
CA GLY C 254 -33.32 11.42 -15.82
C GLY C 254 -32.41 12.16 -16.78
N SER C 255 -31.60 11.44 -17.55
CA SER C 255 -30.60 12.05 -18.43
C SER C 255 -30.82 11.59 -19.86
N ARG C 256 -31.42 12.46 -20.69
CA ARG C 256 -31.52 12.21 -22.12
C ARG C 256 -30.33 12.83 -22.86
N ASP C 257 -29.12 12.58 -22.35
CA ASP C 257 -27.92 13.13 -22.96
C ASP C 257 -26.92 12.04 -23.33
N LYS C 258 -26.66 11.14 -22.38
CA LYS C 258 -25.59 10.17 -22.51
C LYS C 258 -26.10 8.75 -22.33
N ARG C 259 -25.46 7.83 -23.04
CA ARG C 259 -25.75 6.41 -22.96
C ARG C 259 -24.50 5.65 -22.53
N THR C 260 -24.69 4.59 -21.76
CA THR C 260 -23.59 3.75 -21.29
C THR C 260 -23.55 2.47 -22.14
N LEU C 261 -22.53 2.37 -22.99
CA LEU C 261 -22.25 1.15 -23.73
C LEU C 261 -21.29 0.30 -22.91
N ALA C 262 -21.46 -1.02 -22.98
CA ALA C 262 -20.59 -1.89 -22.20
C ALA C 262 -20.35 -3.19 -22.95
N CYS C 263 -19.34 -3.92 -22.49
CA CYS C 263 -18.88 -5.12 -23.19
C CYS C 263 -18.26 -6.06 -22.17
N LEU C 264 -18.81 -7.27 -22.09
CA LEU C 264 -18.30 -8.31 -21.19
C LEU C 264 -17.53 -9.33 -22.03
N ILE C 265 -16.28 -9.58 -21.66
CA ILE C 265 -15.44 -10.56 -22.34
C ILE C 265 -15.09 -11.64 -21.34
N GLN C 266 -15.59 -12.86 -21.57
CA GLN C 266 -15.46 -13.93 -20.59
C GLN C 266 -14.95 -15.19 -21.26
N ASN C 267 -14.44 -16.10 -20.43
CA ASN C 267 -14.01 -17.43 -20.84
C ASN C 267 -12.83 -17.38 -21.81
N PHE C 268 -11.77 -16.69 -21.40
CA PHE C 268 -10.54 -16.60 -22.18
C PHE C 268 -9.34 -16.94 -21.30
N MET C 269 -8.43 -17.75 -21.84
CA MET C 269 -7.17 -18.08 -21.19
C MET C 269 -6.05 -17.93 -22.22
N PRO C 270 -4.93 -17.29 -21.87
CA PRO C 270 -4.59 -16.73 -20.55
C PRO C 270 -5.24 -15.38 -20.28
N GLU C 271 -4.71 -14.63 -19.31
CA GLU C 271 -5.31 -13.37 -18.86
C GLU C 271 -4.84 -12.16 -19.66
N ASP C 272 -3.92 -12.35 -20.62
CA ASP C 272 -3.43 -11.23 -21.42
C ASP C 272 -4.43 -10.94 -22.52
N ILE C 273 -5.09 -9.78 -22.44
CA ILE C 273 -6.15 -9.42 -23.36
C ILE C 273 -6.15 -7.91 -23.57
N SER C 274 -6.44 -7.49 -24.79
CA SER C 274 -6.57 -6.07 -25.13
C SER C 274 -8.02 -5.78 -25.52
N VAL C 275 -8.54 -4.66 -25.02
CA VAL C 275 -9.92 -4.26 -25.26
C VAL C 275 -9.93 -2.91 -25.95
N GLN C 276 -10.67 -2.80 -27.06
CA GLN C 276 -10.77 -1.57 -27.81
C GLN C 276 -12.21 -1.33 -28.22
N TRP C 277 -12.52 -0.06 -28.51
CA TRP C 277 -13.84 0.35 -28.98
C TRP C 277 -13.68 1.10 -30.29
N LEU C 278 -14.48 0.73 -31.29
CA LEU C 278 -14.42 1.30 -32.62
C LEU C 278 -15.72 2.01 -32.94
N HIS C 279 -15.60 3.25 -33.42
CA HIS C 279 -16.73 4.05 -33.89
C HIS C 279 -16.52 4.32 -35.37
N ASN C 280 -17.51 3.94 -36.19
CA ASN C 280 -17.40 3.86 -37.65
C ASN C 280 -16.02 3.37 -38.07
N GLU C 281 -15.58 2.25 -37.50
CA GLU C 281 -14.29 1.63 -37.81
C GLU C 281 -13.12 2.58 -37.53
N VAL C 282 -13.27 3.45 -36.54
CA VAL C 282 -12.19 4.33 -36.09
C VAL C 282 -12.00 4.08 -34.60
N GLN C 283 -10.76 3.81 -34.21
CA GLN C 283 -10.47 3.51 -32.81
C GLN C 283 -10.63 4.75 -31.95
N LEU C 284 -11.38 4.62 -30.86
CA LEU C 284 -11.59 5.71 -29.93
C LEU C 284 -10.40 5.84 -28.98
N PRO C 285 -10.16 7.04 -28.42
CA PRO C 285 -9.07 7.20 -27.46
C PRO C 285 -9.27 6.32 -26.23
N ASP C 286 -8.15 5.88 -25.66
CA ASP C 286 -8.18 4.98 -24.51
C ASP C 286 -8.82 5.61 -23.28
N ALA C 287 -8.82 6.94 -23.19
CA ALA C 287 -9.42 7.62 -22.05
C ALA C 287 -10.95 7.66 -22.11
N ARG C 288 -11.54 7.29 -23.25
CA ARG C 288 -12.99 7.31 -23.36
C ARG C 288 -13.65 6.17 -22.61
N HIS C 289 -12.99 5.01 -22.55
CA HIS C 289 -13.56 3.81 -21.94
C HIS C 289 -12.67 3.33 -20.80
N SER C 290 -13.29 2.60 -19.88
CA SER C 290 -12.61 2.02 -18.73
C SER C 290 -12.81 0.52 -18.73
N THR C 291 -11.72 -0.23 -18.56
CA THR C 291 -11.75 -1.68 -18.61
C THR C 291 -11.30 -2.24 -17.27
N THR C 292 -12.09 -3.15 -16.70
CA THR C 292 -11.78 -3.78 -15.43
C THR C 292 -10.63 -4.77 -15.61
N GLN C 293 -9.77 -4.84 -14.60
CA GLN C 293 -8.65 -5.77 -14.62
C GLN C 293 -9.16 -7.21 -14.68
N PRO C 294 -8.42 -8.11 -15.33
CA PRO C 294 -8.88 -9.49 -15.45
C PRO C 294 -9.09 -10.16 -14.10
N ARG C 295 -10.16 -10.95 -14.01
CA ARG C 295 -10.51 -11.68 -12.81
C ARG C 295 -10.90 -13.10 -13.19
N LYS C 296 -10.43 -14.07 -12.40
CA LYS C 296 -10.69 -15.47 -12.70
C LYS C 296 -12.14 -15.83 -12.43
N THR C 297 -12.82 -16.34 -13.46
CA THR C 297 -14.18 -16.82 -13.26
C THR C 297 -14.19 -18.11 -12.45
N LYS C 298 -15.36 -18.43 -11.90
CA LYS C 298 -15.48 -19.62 -11.07
C LYS C 298 -15.22 -20.89 -11.88
N GLY C 299 -15.76 -20.96 -13.10
CA GLY C 299 -15.68 -22.19 -13.86
C GLY C 299 -14.32 -22.56 -14.41
N SER C 300 -13.85 -21.84 -15.42
CA SER C 300 -12.59 -22.21 -16.07
C SER C 300 -11.67 -21.04 -16.41
N GLY C 301 -12.16 -19.83 -16.58
CA GLY C 301 -11.33 -18.78 -17.16
C GLY C 301 -11.39 -17.43 -16.50
N PHE C 302 -11.22 -16.38 -17.31
CA PHE C 302 -11.17 -15.00 -16.84
C PHE C 302 -12.29 -14.19 -17.51
N PHE C 303 -12.63 -13.06 -16.88
CA PHE C 303 -13.67 -12.18 -17.40
C PHE C 303 -13.29 -10.73 -17.12
N VAL C 304 -13.60 -9.86 -18.08
CA VAL C 304 -13.35 -8.43 -17.97
C VAL C 304 -14.60 -7.68 -18.43
N PHE C 305 -14.73 -6.45 -17.92
CA PHE C 305 -15.83 -5.56 -18.27
C PHE C 305 -15.27 -4.24 -18.79
N SER C 306 -15.80 -3.79 -19.92
CA SER C 306 -15.45 -2.50 -20.50
C SER C 306 -16.69 -1.62 -20.54
N ARG C 307 -16.53 -0.36 -20.11
CA ARG C 307 -17.64 0.58 -20.04
C ARG C 307 -17.23 1.89 -20.70
N LEU C 308 -18.12 2.44 -21.52
CA LEU C 308 -17.84 3.68 -22.24
C LEU C 308 -19.11 4.54 -22.25
N GLU C 309 -18.93 5.85 -22.19
CA GLU C 309 -20.02 6.80 -22.15
C GLU C 309 -20.08 7.56 -23.48
N VAL C 310 -21.26 7.58 -24.10
CA VAL C 310 -21.44 8.23 -25.38
C VAL C 310 -22.44 9.37 -25.23
N THR C 311 -22.24 10.43 -26.02
CA THR C 311 -23.14 11.56 -26.06
C THR C 311 -24.26 11.29 -27.07
N ARG C 312 -25.39 12.00 -26.92
CA ARG C 312 -26.50 11.83 -27.85
C ARG C 312 -26.13 12.17 -29.29
N ALA C 313 -25.05 12.94 -29.50
CA ALA C 313 -24.65 13.30 -30.84
C ALA C 313 -24.28 12.07 -31.67
N GLU C 314 -23.49 11.15 -31.09
CA GLU C 314 -23.16 9.93 -31.81
C GLU C 314 -24.32 8.95 -31.83
N TRP C 315 -25.21 9.02 -30.84
CA TRP C 315 -26.37 8.13 -30.83
C TRP C 315 -27.33 8.49 -31.96
N GLU C 316 -27.49 9.78 -32.27
CA GLU C 316 -28.38 10.18 -33.35
C GLU C 316 -27.85 9.75 -34.71
N GLN C 317 -26.52 9.61 -34.83
CA GLN C 317 -25.92 9.21 -36.10
C GLN C 317 -26.20 7.76 -36.47
N LYS C 318 -26.73 6.96 -35.54
CA LYS C 318 -27.05 5.55 -35.78
C LYS C 318 -25.83 4.76 -36.22
N ASP C 319 -24.65 5.13 -35.72
CA ASP C 319 -23.42 4.44 -36.08
C ASP C 319 -23.31 3.11 -35.34
N GLU C 320 -22.55 2.19 -35.92
CA GLU C 320 -22.33 0.88 -35.33
C GLU C 320 -21.14 0.97 -34.38
N PHE C 321 -21.38 0.68 -33.11
CA PHE C 321 -20.35 0.75 -32.06
C PHE C 321 -19.82 -0.66 -31.86
N ILE C 322 -18.51 -0.85 -32.05
CA ILE C 322 -17.90 -2.17 -32.07
C ILE C 322 -17.01 -2.33 -30.85
N CYS C 323 -17.25 -3.40 -30.09
CA CYS C 323 -16.34 -3.82 -29.04
C CYS C 323 -15.42 -4.90 -29.59
N ARG C 324 -14.11 -4.68 -29.51
CA ARG C 324 -13.12 -5.58 -30.07
C ARG C 324 -12.20 -6.06 -28.96
N ALA C 325 -11.90 -7.36 -28.97
CA ALA C 325 -10.98 -7.97 -28.02
C ALA C 325 -9.88 -8.69 -28.78
N VAL C 326 -8.64 -8.34 -28.49
CA VAL C 326 -7.47 -8.97 -29.08
C VAL C 326 -6.88 -9.92 -28.04
N HIS C 327 -6.80 -11.20 -28.40
CA HIS C 327 -6.29 -12.23 -27.52
C HIS C 327 -5.53 -13.24 -28.36
N GLU C 328 -4.62 -13.97 -27.72
CA GLU C 328 -3.77 -14.92 -28.43
C GLU C 328 -4.56 -16.06 -29.05
N ALA C 329 -5.73 -16.40 -28.48
CA ALA C 329 -6.53 -17.51 -28.97
C ALA C 329 -7.79 -17.05 -29.69
N ALA C 330 -7.93 -15.76 -29.99
CA ALA C 330 -9.12 -15.23 -30.64
C ALA C 330 -9.00 -15.43 -32.15
N SER C 331 -9.09 -16.70 -32.55
CA SER C 331 -8.89 -17.08 -33.93
C SER C 331 -9.96 -16.48 -34.83
N PRO C 332 -9.67 -16.30 -36.13
CA PRO C 332 -8.39 -16.55 -36.80
C PRO C 332 -7.36 -15.43 -36.67
N SER C 333 -7.77 -14.16 -36.74
CA SER C 333 -6.81 -13.06 -36.72
C SER C 333 -6.66 -12.44 -35.34
N GLN C 334 -6.48 -13.29 -34.32
CA GLN C 334 -6.25 -12.86 -32.93
C GLN C 334 -7.15 -11.69 -32.53
N THR C 335 -8.43 -11.80 -32.89
CA THR C 335 -9.36 -10.70 -32.69
C THR C 335 -10.79 -11.22 -32.78
N VAL C 336 -11.63 -10.83 -31.82
CA VAL C 336 -13.05 -11.12 -31.85
C VAL C 336 -13.82 -9.84 -31.55
N GLN C 337 -14.86 -9.56 -32.33
CA GLN C 337 -15.56 -8.29 -32.23
C GLN C 337 -17.06 -8.52 -32.23
N ARG C 338 -17.77 -7.56 -31.63
CA ARG C 338 -19.23 -7.52 -31.64
C ARG C 338 -19.68 -6.09 -31.89
N ALA C 339 -20.89 -5.95 -32.43
CA ALA C 339 -21.41 -4.65 -32.82
C ALA C 339 -22.78 -4.41 -32.19
N VAL C 340 -23.01 -3.18 -31.72
CA VAL C 340 -24.28 -2.76 -31.16
C VAL C 340 -24.65 -1.41 -31.75
N SER C 341 -25.96 -1.13 -31.75
CA SER C 341 -26.48 0.11 -32.31
C SER C 341 -27.87 0.37 -31.71
N VAL C 342 -28.59 1.31 -32.30
CA VAL C 342 -29.95 1.62 -31.84
C VAL C 342 -30.87 0.43 -32.08
N ASN C 343 -31.77 0.21 -31.12
CA ASN C 343 -32.80 -0.83 -31.21
C ASN C 343 -32.17 -2.22 -31.29
C1 NAG D . 36.37 -0.81 10.27
C2 NAG D . 37.80 -0.58 9.75
C3 NAG D . 37.77 -0.07 8.30
C4 NAG D . 36.81 1.09 8.13
C5 NAG D . 35.46 0.79 8.77
C6 NAG D . 34.31 0.94 7.82
C7 NAG D . 39.48 -0.02 11.44
C8 NAG D . 40.12 1.08 12.25
N2 NAG D . 38.52 0.35 10.60
O3 NAG D . 37.39 -1.14 7.43
O4 NAG D . 37.37 2.26 8.73
O5 NAG D . 35.44 -0.58 9.22
O6 NAG D . 33.32 -0.06 8.02
O7 NAG D . 39.84 -1.19 11.54
C1 NAG D . 38.57 2.62 8.05
C2 NAG D . 38.51 4.10 7.66
C3 NAG D . 39.79 4.53 6.98
C4 NAG D . 41.00 4.18 7.84
C5 NAG D . 40.98 2.70 8.22
C6 NAG D . 42.07 2.31 9.18
C7 NAG D . 36.31 5.11 7.20
C8 NAG D . 36.38 5.68 8.59
N2 NAG D . 37.35 4.37 6.81
O3 NAG D . 39.76 5.93 6.73
O4 NAG D . 42.20 4.46 7.13
O5 NAG D . 39.73 2.39 8.88
O6 NAG D . 42.03 0.93 9.49
O7 NAG D . 35.36 5.32 6.46
C1 NAG E . 22.78 -6.92 20.08
C2 NAG E . 22.44 -5.54 20.66
C3 NAG E . 23.41 -4.47 20.15
C4 NAG E . 24.85 -4.90 20.34
C5 NAG E . 25.07 -6.28 19.74
C6 NAG E . 26.45 -6.84 19.99
C7 NAG E . 20.34 -4.94 19.37
C8 NAG E . 21.06 -5.12 18.06
N2 NAG E . 21.04 -5.15 20.51
O3 NAG E . 23.17 -3.25 20.84
O4 NAG E . 25.73 -3.98 19.72
O5 NAG E . 24.15 -7.24 20.32
O6 NAG E . 26.45 -7.82 21.01
O7 NAG E . 19.16 -4.61 19.41
C1 NAG E . 26.55 -3.35 20.73
C2 NAG E . 27.94 -3.08 20.12
C3 NAG E . 28.82 -2.38 21.15
C4 NAG E . 28.13 -1.13 21.68
C5 NAG E . 26.75 -1.47 22.22
C6 NAG E . 25.96 -0.26 22.65
C7 NAG E . 29.26 -4.40 18.54
C8 NAG E . 29.83 -5.75 18.22
N2 NAG E . 28.56 -4.31 19.67
O3 NAG E . 30.06 -2.03 20.54
O4 NAG E . 28.91 -0.55 22.73
O5 NAG E . 25.98 -2.12 21.20
O6 NAG E . 25.96 0.74 21.64
O7 NAG E . 29.43 -3.43 17.80
C1 FUC E . 27.71 -7.79 21.70
C2 FUC E . 27.42 -7.67 23.21
C3 FUC E . 26.73 -8.93 23.73
C4 FUC E . 27.56 -10.17 23.41
C5 FUC E . 27.87 -10.21 21.90
C6 FUC E . 28.87 -11.31 21.53
O2 FUC E . 26.68 -6.50 23.52
O3 FUC E . 26.59 -8.86 25.16
O4 FUC E . 28.77 -10.17 24.15
O5 FUC E . 28.46 -8.98 21.43
C1 NAG F . 39.12 -19.95 0.30
C2 NAG F . 39.25 -18.95 -0.85
C3 NAG F . 37.99 -18.10 -0.98
C4 NAG F . 36.75 -18.99 -1.08
C5 NAG F . 36.72 -19.98 0.09
C6 NAG F . 35.59 -20.98 -0.01
C7 NAG F . 41.18 -17.66 -1.67
C8 NAG F . 42.33 -16.78 -1.30
N2 NAG F . 40.41 -18.09 -0.67
O3 NAG F . 38.08 -17.27 -2.13
O4 NAG F . 35.58 -18.19 -1.04
O5 NAG F . 37.94 -20.74 0.11
O6 NAG F . 35.60 -21.87 1.10
O7 NAG F . 40.95 -17.97 -2.84
C1 NAG F . 34.81 -18.33 -2.26
C2 NAG F . 33.32 -18.30 -1.90
C3 NAG F . 32.47 -18.41 -3.16
C4 NAG F . 32.87 -17.34 -4.17
C5 NAG F . 34.37 -17.41 -4.44
C6 NAG F . 34.86 -16.30 -5.34
C7 NAG F . 32.01 -19.23 -0.05
C8 NAG F . 31.79 -20.43 0.84
N2 NAG F . 32.98 -19.35 -0.96
O3 NAG F . 31.10 -18.28 -2.82
O4 NAG F . 32.15 -17.52 -5.38
O5 NAG F . 35.10 -17.30 -3.21
O6 NAG F . 36.11 -16.63 -5.93
O7 NAG F . 31.33 -18.22 0.04
C1 BMA F . 31.24 -16.45 -5.80
C2 BMA F . 30.60 -15.63 -4.62
C3 BMA F . 29.54 -14.71 -5.22
C4 BMA F . 30.18 -13.81 -6.32
C5 BMA F . 30.97 -14.66 -7.35
C6 BMA F . 31.75 -13.80 -8.35
O2 BMA F . 31.52 -14.72 -4.01
O3 BMA F . 28.95 -13.91 -4.20
O4 BMA F . 29.18 -13.07 -6.99
O5 BMA F . 31.91 -15.52 -6.68
O6 BMA F . 32.26 -14.65 -9.37
C1 MAN F . 27.51 -13.76 -4.37
C2 MAN F . 26.86 -15.18 -4.58
C3 MAN F . 25.54 -15.06 -5.34
C4 MAN F . 24.91 -13.68 -5.09
C5 MAN F . 25.80 -12.58 -5.68
C6 MAN F . 25.54 -11.20 -5.10
O2 MAN F . 26.54 -15.80 -3.33
O3 MAN F . 24.64 -16.09 -5.00
O4 MAN F . 23.62 -13.62 -5.69
O5 MAN F . 27.21 -12.90 -5.47
O6 MAN F . 26.29 -10.24 -5.85
C1 NAG G . 1.47 -11.98 10.58
C2 NAG G . 1.65 -10.58 10.00
C3 NAG G . 0.34 -9.82 10.08
C4 NAG G . -0.80 -10.61 9.44
C5 NAG G . -0.84 -12.03 9.99
C6 NAG G . -1.83 -12.92 9.25
C7 NAG G . 3.82 -9.44 10.07
C8 NAG G . 4.81 -8.71 10.92
N2 NAG G . 2.71 -9.86 10.68
O3 NAG G . 0.48 -8.56 9.41
O4 NAG G . -2.04 -9.98 9.74
O5 NAG G . 0.45 -12.66 9.87
O6 NAG G . -1.16 -13.93 8.52
O7 NAG G . 4.01 -9.64 8.87
C1 NAG G . -2.64 -9.45 8.54
C2 NAG G . -4.14 -9.34 8.77
C3 NAG G . -4.82 -8.70 7.55
C4 NAG G . -4.14 -7.39 7.19
C5 NAG G . -2.65 -7.58 7.03
C6 NAG G . -1.89 -6.29 6.80
C7 NAG G . -5.46 -10.90 10.14
C8 NAG G . -5.67 -9.75 11.07
N2 NAG G . -4.72 -10.64 9.05
O3 NAG G . -6.19 -8.50 7.83
O4 NAG G . -4.70 -6.89 5.98
O5 NAG G . -2.10 -8.16 8.22
O6 NAG G . -2.22 -5.31 7.76
O7 NAG G . -5.93 -12.01 10.35
C1 BMA G . -5.26 -5.57 6.19
C2 BMA G . -4.78 -4.69 5.03
C3 BMA G . -5.42 -3.29 5.13
C4 BMA G . -6.95 -3.36 5.35
C5 BMA G . -7.26 -4.31 6.53
C6 BMA G . -8.75 -4.48 6.79
O2 BMA G . -5.16 -5.27 3.79
O3 BMA G . -5.03 -2.41 4.03
O4 BMA G . -7.47 -2.08 5.65
O5 BMA G . -6.68 -5.60 6.25
O6 BMA G . -9.34 -5.11 5.66
C1 MAN G . -5.97 -2.39 2.93
C2 MAN G . -5.23 -2.92 1.68
C3 MAN G . -4.18 -1.91 1.21
C4 MAN G . -4.80 -0.51 1.06
C5 MAN G . -5.46 -0.10 2.38
C6 MAN G . -6.16 1.25 2.30
O2 MAN G . -6.12 -3.07 0.57
O3 MAN G . -3.56 -2.31 0.00
O4 MAN G . -3.80 0.44 0.73
O5 MAN G . -6.46 -1.09 2.73
O6 MAN G . -6.50 1.66 3.63
C1 MAN G . -10.77 -4.93 5.74
C2 MAN G . -11.32 -6.00 6.73
C3 MAN G . -11.28 -7.39 6.10
C4 MAN G . -11.93 -7.39 4.72
C5 MAN G . -11.24 -6.35 3.83
C6 MAN G . -11.85 -6.25 2.44
O2 MAN G . -12.69 -5.76 7.05
O3 MAN G . -11.90 -8.37 6.94
O4 MAN G . -11.83 -8.67 4.12
O5 MAN G . -11.36 -5.05 4.45
O6 MAN G . -11.00 -5.43 1.64
C1 NAG H . 5.26 8.56 -5.36
C2 NAG H . 5.09 7.22 -4.65
C3 NAG H . 5.35 6.07 -5.63
C4 NAG H . 4.50 6.23 -6.88
C5 NAG H . 4.67 7.63 -7.48
C6 NAG H . 3.72 7.89 -8.63
C7 NAG H . 5.53 6.61 -2.32
C8 NAG H . 6.55 6.58 -1.22
N2 NAG H . 5.95 7.12 -3.49
O3 NAG H . 5.06 4.84 -5.00
O4 NAG H . 4.90 5.26 -7.85
O5 NAG H . 4.40 8.63 -6.49
O6 NAG H . 3.47 9.28 -8.78
O7 NAG H . 4.39 6.19 -2.17
C1 NAG H . 3.88 4.25 -7.99
C2 NAG H . 3.76 3.89 -9.47
C3 NAG H . 2.73 2.78 -9.66
C4 NAG H . 3.08 1.59 -8.79
C5 NAG H . 3.22 2.03 -7.32
C6 NAG H . 3.69 0.92 -6.42
C7 NAG H . 3.79 5.22 -11.53
C8 NAG H . 3.33 6.49 -12.20
N2 NAG H . 3.40 5.06 -10.26
O3 NAG H . 2.70 2.40 -11.03
O4 NAG H . 2.07 0.59 -8.87
O5 NAG H . 4.21 3.07 -7.23
O6 NAG H . 5.10 0.82 -6.39
O7 NAG H . 4.48 4.40 -12.12
C1 BMA H . 2.53 -0.47 -9.73
C2 BMA H . 1.72 -1.75 -9.40
C3 BMA H . 2.05 -2.86 -10.39
C4 BMA H . 1.99 -2.37 -11.85
C5 BMA H . 2.85 -1.10 -12.02
C6 BMA H . 2.80 -0.50 -13.41
O2 BMA H . 0.32 -1.51 -9.50
O3 BMA H . 1.18 -3.98 -10.23
O4 BMA H . 2.45 -3.37 -12.73
O5 BMA H . 2.38 -0.12 -11.10
O6 BMA H . 1.87 -1.23 -14.21
C1 MAN H . 1.91 -5.05 -9.58
C2 MAN H . 1.21 -6.38 -9.96
C3 MAN H . -0.16 -6.48 -9.27
C4 MAN H . -0.03 -6.21 -7.75
C5 MAN H . 0.65 -4.85 -7.53
C6 MAN H . 0.87 -4.54 -6.06
O2 MAN H . 1.95 -7.51 -9.50
O3 MAN H . -0.78 -7.74 -9.50
O4 MAN H . -1.31 -6.21 -7.16
O5 MAN H . 1.94 -4.85 -8.18
O6 MAN H . 1.39 -3.21 -5.96
C1 MAN H . 0.77 -0.36 -14.59
C2 MAN H . -0.28 -1.23 -15.34
C3 MAN H . 0.20 -1.53 -16.76
C4 MAN H . 0.60 -0.25 -17.48
C5 MAN H . 1.71 0.44 -16.69
C6 MAN H . 2.16 1.75 -17.32
O2 MAN H . -1.52 -0.54 -15.49
O3 MAN H . -0.80 -2.23 -17.52
O4 MAN H . 1.07 -0.54 -18.79
O5 MAN H . 1.22 0.75 -15.36
O6 MAN H . 3.24 2.26 -16.55
C1 NAG I . 20.47 -28.92 8.98
C2 NAG I . 20.57 -29.23 7.49
C3 NAG I . 19.44 -30.15 7.07
C4 NAG I . 19.42 -31.39 7.95
C5 NAG I . 19.36 -31.00 9.41
C6 NAG I . 19.46 -32.18 10.35
C7 NAG I . 21.59 -27.59 5.96
C8 NAG I . 21.40 -26.31 5.21
N2 NAG I . 20.56 -28.00 6.69
O3 NAG I . 19.62 -30.52 5.70
O4 NAG I . 18.27 -32.18 7.64
O5 NAG I . 20.48 -30.14 9.73
O6 NAG I . 20.66 -32.90 10.15
O7 NAG I . 22.65 -28.24 5.90
C1 NAG J . 23.34 -21.82 33.17
C2 NAG J . 23.25 -22.25 34.65
C3 NAG J . 23.96 -21.24 35.55
C4 NAG J . 25.27 -20.80 34.90
C5 NAG J . 24.95 -19.98 33.66
C6 NAG J . 25.99 -20.08 32.58
C7 NAG J . 21.22 -23.58 35.03
C8 NAG J . 19.79 -23.55 35.48
N2 NAG J . 21.86 -22.40 35.06
O3 NAG J . 24.22 -21.84 36.81
O4 NAG J . 26.02 -20.02 35.81
O5 NAG J . 23.69 -20.39 33.08
O6 NAG J . 26.63 -21.35 32.59
O7 NAG J . 21.76 -24.60 34.64
#